data_5VP0
#
_entry.id   5VP0
#
_cell.length_a   166.704
_cell.length_b   74.265
_cell.length_c   91.171
_cell.angle_alpha   90.000
_cell.angle_beta   109.770
_cell.angle_gamma   90.000
#
_symmetry.space_group_name_H-M   'C 1 2 1'
#
loop_
_entity.id
_entity.type
_entity.pdbx_description
1 polymer "cGMP-dependent 3',5'-cyclic phosphodiesterase"
2 non-polymer 'ZINC ION'
3 non-polymer 'MAGNESIUM ION'
4 non-polymer N-{(1S)-1-[3-fluoro-4-(trifluoromethoxy)phenyl]-2-methoxyethyl}-7-methoxy-2-oxo-2,3-dihydropyrido[2,3-b]pyrazine-4(1H)-carboxamide
5 water water
#
_entity_poly.entity_id   1
_entity_poly.type   'polypeptide(L)'
_entity_poly.pdbx_seq_one_letter_code
;GHASDDEYTKLLHDGIQPVAAIDSNFASFTYTPRSLPEDDTSMAILSMLQDMNFINNYKIDCPTLARFCLMVKKGYRDPP
YHNWMHAFSVSHFCYLLYKNLELTNYLEDIEIFALFISCMCHDLDHRGTNNSFQVASKSVLAALYSSEGSVMERHHFAQA
IAILNTHGCNIFDHFSRKDYQRMLDLMRDIILATDLAHHLRIFKDLQKMAEVGYDRNNKQHHRLLLCLLMTSCDLSDQTK
GWKTTRKIAELIYKEFFSQGDLEKAMGNRPMEMMDREKAYIPELQISFMEHIAMPIYKLLQDLFPKAAELYERVASNREH
WTKVSHKFTIRGLPSNNSLDFLDEE
;
_entity_poly.pdbx_strand_id   A,B,C
#
# COMPACT_ATOMS: atom_id res chain seq x y z
N THR A 9 9.11 -22.28 -12.00
CA THR A 9 9.15 -23.22 -13.17
C THR A 9 9.21 -24.69 -12.77
N LYS A 10 10.13 -25.04 -11.85
CA LYS A 10 10.31 -26.42 -11.38
C LYS A 10 9.16 -26.89 -10.48
N LEU A 11 8.62 -25.98 -9.68
CA LEU A 11 7.45 -26.30 -8.85
C LEU A 11 6.17 -26.43 -9.67
N LEU A 12 6.11 -25.70 -10.78
CA LEU A 12 4.93 -25.67 -11.62
C LEU A 12 4.96 -26.89 -12.55
N HIS A 13 6.10 -27.11 -13.22
CA HIS A 13 6.23 -28.08 -14.33
C HIS A 13 6.45 -29.53 -13.91
N ASP A 14 6.92 -29.73 -12.68
CA ASP A 14 6.57 -30.95 -11.94
C ASP A 14 5.10 -30.71 -11.49
N GLY A 15 4.15 -31.62 -11.77
CA GLY A 15 2.81 -31.57 -11.15
C GLY A 15 2.91 -31.93 -9.68
N ILE A 16 1.80 -31.89 -8.93
CA ILE A 16 1.82 -32.13 -7.48
C ILE A 16 1.92 -33.62 -7.19
N GLN A 17 3.08 -34.04 -6.71
CA GLN A 17 3.28 -35.42 -6.23
C GLN A 17 2.23 -35.91 -5.25
N PRO A 18 1.81 -37.18 -5.39
CA PRO A 18 1.15 -37.81 -4.25
C PRO A 18 2.15 -38.01 -3.11
N VAL A 19 1.69 -37.82 -1.88
CA VAL A 19 2.61 -37.89 -0.72
C VAL A 19 3.25 -39.27 -0.47
N ALA A 20 2.63 -40.35 -0.91
CA ALA A 20 3.24 -41.68 -0.83
C ALA A 20 4.54 -41.81 -1.66
N ALA A 21 4.58 -41.13 -2.82
CA ALA A 21 5.75 -41.15 -3.72
C ALA A 21 6.98 -40.37 -3.21
N ILE A 22 6.80 -39.48 -2.24
CA ILE A 22 7.92 -38.75 -1.62
C ILE A 22 8.73 -39.69 -0.72
N ASP A 23 8.01 -40.48 0.08
CA ASP A 23 8.57 -41.53 0.93
C ASP A 23 7.41 -42.38 1.47
N SER A 24 7.59 -43.70 1.53
CA SER A 24 6.55 -44.60 2.05
C SER A 24 6.19 -44.33 3.53
N ASN A 25 7.14 -43.77 4.29
CA ASN A 25 6.94 -43.44 5.70
C ASN A 25 6.62 -41.94 5.92
N PHE A 26 6.24 -41.20 4.87
CA PHE A 26 6.15 -39.73 4.97
C PHE A 26 5.14 -39.21 6.00
N ALA A 27 4.06 -39.95 6.21
CA ALA A 27 3.01 -39.63 7.19
C ALA A 27 3.22 -40.26 8.58
N SER A 28 4.39 -40.84 8.83
CA SER A 28 4.70 -41.45 10.11
C SER A 28 5.42 -40.48 11.03
N PHE A 29 5.15 -40.60 12.33
CA PHE A 29 5.90 -39.87 13.35
C PHE A 29 7.41 -40.18 13.39
N THR A 30 7.83 -41.34 12.87
CA THR A 30 9.25 -41.68 12.81
C THR A 30 10.01 -41.00 11.66
N TYR A 31 9.30 -40.42 10.70
CA TYR A 31 9.96 -39.77 9.56
C TYR A 31 10.62 -38.44 9.97
N THR A 32 11.84 -38.24 9.48
CA THR A 32 12.61 -37.04 9.75
C THR A 32 12.56 -36.17 8.51
N PRO A 33 11.79 -35.07 8.54
CA PRO A 33 11.69 -34.21 7.36
C PRO A 33 12.97 -33.49 6.91
N ARG A 34 13.97 -33.37 7.78
CA ARG A 34 15.29 -32.84 7.41
C ARG A 34 16.07 -33.77 6.47
N SER A 35 15.68 -35.05 6.40
CA SER A 35 16.18 -35.99 5.38
C SER A 35 15.86 -35.61 3.94
N LEU A 36 14.79 -34.84 3.75
CA LEU A 36 14.36 -34.48 2.39
C LEU A 36 15.26 -33.35 1.89
N PRO A 37 15.83 -33.50 0.67
CA PRO A 37 16.63 -32.40 0.12
C PRO A 37 15.88 -31.08 0.06
N GLU A 38 16.57 -29.98 0.32
CA GLU A 38 15.94 -28.66 0.39
C GLU A 38 15.21 -28.28 -0.91
N ASP A 39 15.77 -28.70 -2.05
CA ASP A 39 15.12 -28.50 -3.37
C ASP A 39 13.79 -29.24 -3.61
N ASP A 40 13.48 -30.24 -2.80
CA ASP A 40 12.18 -30.95 -2.86
C ASP A 40 11.16 -30.49 -1.82
N THR A 41 11.55 -29.58 -0.92
CA THR A 41 10.66 -29.20 0.19
C THR A 41 9.43 -28.38 -0.25
N SER A 42 9.58 -27.55 -1.27
CA SER A 42 8.47 -26.75 -1.79
C SER A 42 7.37 -27.64 -2.39
N MET A 43 7.78 -28.63 -3.17
CA MET A 43 6.86 -29.63 -3.70
C MET A 43 6.17 -30.42 -2.58
N ALA A 44 6.92 -30.77 -1.54
CA ALA A 44 6.37 -31.51 -0.41
C ALA A 44 5.31 -30.69 0.35
N ILE A 45 5.51 -29.37 0.46
CA ILE A 45 4.49 -28.49 1.02
C ILE A 45 3.20 -28.61 0.22
N LEU A 46 3.29 -28.51 -1.10
CA LEU A 46 2.13 -28.66 -1.97
C LEU A 46 1.49 -30.03 -1.80
N SER A 47 2.29 -31.09 -1.75
CA SER A 47 1.76 -32.44 -1.55
C SER A 47 1.03 -32.59 -0.24
N MET A 48 1.52 -31.97 0.82
CA MET A 48 0.84 -32.03 2.12
C MET A 48 -0.51 -31.31 2.12
N LEU A 49 -0.56 -30.12 1.54
CA LEU A 49 -1.82 -29.39 1.38
C LEU A 49 -2.82 -30.15 0.51
N GLN A 50 -2.34 -30.81 -0.54
CA GLN A 50 -3.15 -31.66 -1.39
C GLN A 50 -3.74 -32.81 -0.60
N ASP A 51 -2.92 -33.49 0.19
CA ASP A 51 -3.33 -34.68 0.93
C ASP A 51 -4.26 -34.37 2.11
N MET A 52 -4.14 -33.18 2.69
CA MET A 52 -5.09 -32.68 3.71
C MET A 52 -6.37 -32.09 3.08
N ASN A 53 -6.37 -31.98 1.75
CA ASN A 53 -7.50 -31.54 0.96
C ASN A 53 -7.84 -30.07 1.02
N PHE A 54 -6.91 -29.23 1.49
CA PHE A 54 -7.17 -27.80 1.60
C PHE A 54 -7.19 -27.07 0.28
N ILE A 55 -6.54 -27.61 -0.74
CA ILE A 55 -6.52 -26.96 -2.06
C ILE A 55 -7.91 -27.01 -2.68
N ASN A 56 -8.55 -28.18 -2.63
CA ASN A 56 -9.92 -28.36 -3.12
C ASN A 56 -10.97 -27.75 -2.17
N ASN A 57 -10.80 -27.94 -0.88
CA ASN A 57 -11.69 -27.36 0.14
C ASN A 57 -11.85 -25.85 -0.04
N TYR A 58 -10.74 -25.13 -0.13
CA TYR A 58 -10.75 -23.67 -0.22
C TYR A 58 -10.57 -23.10 -1.62
N LYS A 59 -10.51 -23.98 -2.62
CA LYS A 59 -10.40 -23.58 -4.03
C LYS A 59 -9.21 -22.65 -4.23
N ILE A 60 -8.05 -23.08 -3.77
CA ILE A 60 -6.85 -22.28 -3.85
C ILE A 60 -6.35 -22.39 -5.29
N ASP A 61 -6.02 -21.27 -5.90
CA ASP A 61 -5.39 -21.25 -7.22
C ASP A 61 -3.98 -21.86 -7.07
N CYS A 62 -3.67 -22.90 -7.84
CA CYS A 62 -2.38 -23.59 -7.69
C CYS A 62 -1.14 -22.73 -8.01
N PRO A 63 -1.18 -21.94 -9.10
CA PRO A 63 -0.06 -21.02 -9.36
C PRO A 63 0.17 -20.01 -8.21
N THR A 64 -0.90 -19.44 -7.70
CA THR A 64 -0.82 -18.55 -6.55
C THR A 64 -0.19 -19.27 -5.36
N LEU A 65 -0.64 -20.49 -5.09
CA LEU A 65 -0.08 -21.30 -4.00
C LEU A 65 1.39 -21.65 -4.21
N ALA A 66 1.78 -22.04 -5.42
CA ALA A 66 3.19 -22.28 -5.74
C ALA A 66 4.05 -21.04 -5.50
N ARG A 67 3.62 -19.89 -6.01
CA ARG A 67 4.35 -18.64 -5.75
C ARG A 67 4.36 -18.25 -4.29
N PHE A 68 3.25 -18.45 -3.57
CA PHE A 68 3.24 -18.18 -2.13
C PHE A 68 4.29 -19.00 -1.39
N CYS A 69 4.37 -20.30 -1.69
CA CYS A 69 5.32 -21.19 -1.03
C CYS A 69 6.78 -20.85 -1.28
N LEU A 70 7.09 -20.45 -2.50
CA LEU A 70 8.45 -20.04 -2.87
C LEU A 70 8.84 -18.72 -2.20
N MET A 71 7.89 -17.78 -2.10
CA MET A 71 8.13 -16.55 -1.38
C MET A 71 8.36 -16.76 0.11
N VAL A 72 7.60 -17.67 0.72
CA VAL A 72 7.80 -17.99 2.14
C VAL A 72 9.19 -18.56 2.37
N LYS A 73 9.55 -19.57 1.58
CA LYS A 73 10.90 -20.15 1.57
C LYS A 73 11.99 -19.07 1.42
N LYS A 74 11.84 -18.23 0.41
CA LYS A 74 12.76 -17.14 0.13
C LYS A 74 12.86 -16.15 1.31
N GLY A 75 11.79 -16.01 2.09
CA GLY A 75 11.76 -15.11 3.25
C GLY A 75 12.49 -15.58 4.52
N TYR A 76 13.00 -16.82 4.51
CA TYR A 76 13.89 -17.28 5.56
C TYR A 76 15.35 -16.93 5.20
N ARG A 77 16.11 -16.52 6.21
CA ARG A 77 17.56 -16.32 6.10
C ARG A 77 18.24 -17.64 6.43
N ASP A 78 19.57 -17.64 6.56
CA ASP A 78 20.34 -18.87 6.77
C ASP A 78 21.15 -18.86 8.08
N PRO A 79 20.55 -18.48 9.22
CA PRO A 79 21.27 -18.79 10.45
C PRO A 79 21.27 -20.31 10.71
N PRO A 80 22.00 -20.79 11.72
CA PRO A 80 22.16 -22.23 11.89
C PRO A 80 20.89 -23.04 12.10
N TYR A 81 19.96 -22.51 12.89
CA TYR A 81 18.71 -23.21 13.19
C TYR A 81 17.47 -22.60 12.54
N HIS A 82 17.29 -21.29 12.67
CA HIS A 82 16.04 -20.64 12.26
C HIS A 82 16.04 -20.27 10.79
N ASN A 83 16.05 -21.32 9.96
CA ASN A 83 16.12 -21.23 8.50
C ASN A 83 14.89 -21.94 7.89
N TRP A 84 14.83 -22.00 6.56
CA TRP A 84 13.69 -22.63 5.90
C TRP A 84 13.48 -24.08 6.36
N MET A 85 14.56 -24.86 6.48
CA MET A 85 14.42 -26.29 6.88
C MET A 85 13.76 -26.46 8.26
N HIS A 86 13.93 -25.49 9.15
CA HIS A 86 13.17 -25.49 10.40
C HIS A 86 11.66 -25.30 10.14
N ALA A 87 11.32 -24.25 9.40
CA ALA A 87 9.95 -23.98 9.01
C ALA A 87 9.30 -25.18 8.29
N PHE A 88 10.02 -25.79 7.34
CA PHE A 88 9.52 -26.98 6.67
C PHE A 88 9.27 -28.15 7.63
N SER A 89 10.23 -28.40 8.51
CA SER A 89 10.10 -29.47 9.53
C SER A 89 8.91 -29.25 10.47
N VAL A 90 8.68 -28.00 10.87
CA VAL A 90 7.57 -27.63 11.74
C VAL A 90 6.23 -27.83 11.00
N SER A 91 6.19 -27.44 9.74
CA SER A 91 5.02 -27.62 8.88
C SER A 91 4.73 -29.09 8.66
N HIS A 92 5.79 -29.87 8.44
CA HIS A 92 5.63 -31.30 8.29
C HIS A 92 5.03 -31.93 9.53
N PHE A 93 5.42 -31.46 10.70
CA PHE A 93 4.84 -32.02 11.94
C PHE A 93 3.35 -31.71 12.06
N CYS A 94 2.94 -30.52 11.65
CA CYS A 94 1.53 -30.16 11.63
C CYS A 94 0.72 -31.14 10.77
N TYR A 95 1.25 -31.43 9.58
CA TYR A 95 0.72 -32.47 8.72
C TYR A 95 0.60 -33.82 9.44
N LEU A 96 1.67 -34.23 10.14
CA LEU A 96 1.64 -35.49 10.90
C LEU A 96 0.54 -35.51 11.96
N LEU A 97 0.37 -34.39 12.67
CA LEU A 97 -0.71 -34.30 13.65
C LEU A 97 -2.08 -34.44 13.00
N TYR A 98 -2.28 -33.79 11.86
CA TYR A 98 -3.50 -33.98 11.05
C TYR A 98 -3.74 -35.45 10.72
N LYS A 99 -2.71 -36.11 10.20
CA LYS A 99 -2.81 -37.49 9.73
C LYS A 99 -2.95 -38.53 10.83
N ASN A 100 -2.33 -38.29 11.99
CA ASN A 100 -2.26 -39.29 13.05
C ASN A 100 -3.20 -39.03 14.24
N LEU A 101 -3.43 -37.76 14.59
CA LEU A 101 -4.33 -37.43 15.71
C LEU A 101 -5.77 -37.11 15.31
N GLU A 102 -6.08 -37.14 14.01
CA GLU A 102 -7.45 -36.86 13.53
C GLU A 102 -7.95 -35.51 14.07
N LEU A 103 -7.26 -34.44 13.63
CA LEU A 103 -7.53 -33.10 14.14
C LEU A 103 -8.91 -32.58 13.75
N THR A 104 -9.48 -33.09 12.65
CA THR A 104 -10.82 -32.72 12.22
C THR A 104 -11.94 -33.07 13.21
N ASN A 105 -11.68 -33.96 14.17
CA ASN A 105 -12.60 -34.22 15.29
C ASN A 105 -12.56 -33.15 16.41
N TYR A 106 -11.58 -32.25 16.39
CA TYR A 106 -11.36 -31.27 17.46
C TYR A 106 -11.44 -29.80 16.99
N LEU A 107 -11.02 -29.51 15.76
CA LEU A 107 -10.91 -28.17 15.25
C LEU A 107 -11.61 -28.04 13.92
N GLU A 108 -11.95 -26.81 13.57
CA GLU A 108 -12.56 -26.49 12.28
C GLU A 108 -11.49 -26.62 11.19
N ASP A 109 -11.92 -26.88 9.94
CA ASP A 109 -10.99 -26.96 8.80
C ASP A 109 -10.18 -25.67 8.60
N ILE A 110 -10.82 -24.52 8.78
CA ILE A 110 -10.12 -23.25 8.63
C ILE A 110 -9.05 -23.03 9.74
N GLU A 111 -9.30 -23.54 10.94
CA GLU A 111 -8.33 -23.48 12.03
C GLU A 111 -7.12 -24.35 11.74
N ILE A 112 -7.36 -25.55 11.23
CA ILE A 112 -6.28 -26.46 10.87
C ILE A 112 -5.49 -25.89 9.69
N PHE A 113 -6.17 -25.31 8.71
CA PHE A 113 -5.48 -24.70 7.57
C PHE A 113 -4.60 -23.53 8.04
N ALA A 114 -5.16 -22.67 8.89
CA ALA A 114 -4.42 -21.57 9.52
C ALA A 114 -3.19 -22.03 10.28
N LEU A 115 -3.30 -23.15 11.00
CA LEU A 115 -2.16 -23.69 11.75
C LEU A 115 -1.00 -24.08 10.82
N PHE A 116 -1.32 -24.76 9.72
CA PHE A 116 -0.32 -25.20 8.77
C PHE A 116 0.37 -24.03 8.06
N ILE A 117 -0.41 -23.05 7.62
CA ILE A 117 0.18 -21.83 7.00
C ILE A 117 1.02 -21.07 8.01
N SER A 118 0.54 -21.01 9.25
CA SER A 118 1.29 -20.39 10.32
C SER A 118 2.62 -21.09 10.54
N CYS A 119 2.61 -22.42 10.57
CA CYS A 119 3.86 -23.21 10.68
C CYS A 119 4.89 -22.83 9.62
N MET A 120 4.45 -22.64 8.38
CA MET A 120 5.35 -22.23 7.30
C MET A 120 5.94 -20.85 7.53
N CYS A 121 5.13 -19.96 8.09
CA CYS A 121 5.46 -18.53 8.23
C CYS A 121 6.03 -18.11 9.60
N HIS A 122 6.00 -18.97 10.60
CA HIS A 122 6.09 -18.51 11.99
C HIS A 122 7.44 -17.96 12.43
N ASP A 123 8.52 -18.22 11.68
CA ASP A 123 9.83 -17.65 11.97
C ASP A 123 10.38 -16.83 10.78
N LEU A 124 9.51 -16.26 9.95
CA LEU A 124 9.97 -15.51 8.76
C LEU A 124 10.96 -14.42 9.11
N ASP A 125 12.06 -14.38 8.37
CA ASP A 125 13.10 -13.35 8.49
C ASP A 125 13.79 -13.37 9.85
N HIS A 126 13.88 -14.55 10.47
CA HIS A 126 14.59 -14.72 11.75
C HIS A 126 16.09 -14.47 11.50
N ARG A 127 16.76 -13.82 12.46
CA ARG A 127 18.19 -13.45 12.31
C ARG A 127 19.13 -14.25 13.23
N GLY A 128 18.67 -15.38 13.74
CA GLY A 128 19.35 -16.11 14.84
C GLY A 128 19.47 -15.46 16.21
N THR A 129 18.63 -14.46 16.47
CA THR A 129 18.65 -13.70 17.73
C THR A 129 17.26 -13.62 18.35
N ASN A 130 17.20 -13.52 19.67
CA ASN A 130 15.93 -13.56 20.41
C ASN A 130 15.33 -12.17 20.66
N ASN A 131 14.21 -12.13 21.38
CA ASN A 131 13.45 -10.89 21.56
C ASN A 131 14.19 -9.81 22.31
N SER A 132 14.84 -10.22 23.41
CA SER A 132 15.60 -9.26 24.19
C SER A 132 16.82 -8.72 23.42
N PHE A 133 17.43 -9.52 22.55
CA PHE A 133 18.53 -9.02 21.73
C PHE A 133 18.11 -7.85 20.83
N GLN A 134 16.88 -7.83 20.35
CA GLN A 134 16.38 -6.75 19.49
C GLN A 134 16.34 -5.47 20.26
N VAL A 135 15.88 -5.58 21.51
CA VAL A 135 15.80 -4.44 22.40
C VAL A 135 17.21 -3.97 22.82
N ALA A 136 18.07 -4.89 23.21
CA ALA A 136 19.45 -4.54 23.58
C ALA A 136 20.20 -3.95 22.37
N SER A 137 20.07 -4.57 21.20
CA SER A 137 20.74 -4.06 19.99
C SER A 137 20.09 -2.80 19.37
N LYS A 138 18.92 -2.40 19.88
CA LYS A 138 18.15 -1.24 19.37
C LYS A 138 17.93 -1.33 17.87
N SER A 139 17.51 -2.51 17.43
CA SER A 139 17.24 -2.80 16.04
C SER A 139 15.93 -2.14 15.61
N VAL A 140 15.72 -2.09 14.30
CA VAL A 140 14.50 -1.54 13.73
C VAL A 140 13.27 -2.32 14.20
N LEU A 141 13.39 -3.63 14.39
CA LEU A 141 12.28 -4.43 14.88
C LEU A 141 11.84 -4.02 16.30
N ALA A 142 12.79 -3.67 17.15
CA ALA A 142 12.49 -3.20 18.51
C ALA A 142 11.80 -1.85 18.51
N ALA A 143 12.29 -0.94 17.69
CA ALA A 143 11.66 0.35 17.50
C ALA A 143 10.18 0.19 17.13
N LEU A 144 9.87 -0.71 16.20
CA LEU A 144 8.49 -0.96 15.76
C LEU A 144 7.59 -1.69 16.76
N TYR A 145 8.16 -2.69 17.45
CA TYR A 145 7.37 -3.67 18.23
C TYR A 145 7.66 -3.78 19.73
N SER A 146 8.72 -3.15 20.26
CA SER A 146 9.15 -3.37 21.67
C SER A 146 8.16 -2.97 22.77
N SER A 147 7.38 -1.91 22.55
CA SER A 147 6.34 -1.54 23.51
C SER A 147 5.14 -2.53 23.55
N GLU A 148 5.07 -3.44 22.59
CA GLU A 148 3.98 -4.42 22.49
C GLU A 148 4.37 -5.86 22.93
N GLY A 149 5.66 -6.16 23.15
CA GLY A 149 6.12 -7.53 23.52
C GLY A 149 6.10 -8.49 22.32
N SER A 150 6.70 -9.67 22.44
CA SER A 150 6.84 -10.62 21.33
C SER A 150 7.32 -9.97 20.02
N VAL A 151 8.46 -9.30 20.11
CA VAL A 151 9.00 -8.50 19.01
C VAL A 151 9.19 -9.32 17.73
N MET A 152 9.92 -10.44 17.83
CA MET A 152 10.18 -11.26 16.66
C MET A 152 8.90 -11.88 16.09
N GLU A 153 8.00 -12.31 16.95
CA GLU A 153 6.79 -12.99 16.51
C GLU A 153 5.86 -12.04 15.76
N ARG A 154 5.80 -10.80 16.20
CA ARG A 154 5.08 -9.74 15.47
C ARG A 154 5.70 -9.44 14.10
N HIS A 155 7.01 -9.45 14.02
CA HIS A 155 7.71 -9.30 12.76
C HIS A 155 7.41 -10.46 11.84
N HIS A 156 7.43 -11.68 12.36
CA HIS A 156 7.17 -12.86 11.55
C HIS A 156 5.78 -12.74 10.88
N PHE A 157 4.78 -12.38 11.68
CA PHE A 157 3.43 -12.16 11.20
C PHE A 157 3.38 -11.04 10.16
N ALA A 158 4.02 -9.92 10.43
CA ALA A 158 4.08 -8.80 9.45
C ALA A 158 4.72 -9.19 8.13
N GLN A 159 5.73 -10.06 8.19
CA GLN A 159 6.37 -10.59 6.97
C GLN A 159 5.39 -11.48 6.21
N ALA A 160 4.63 -12.30 6.91
CA ALA A 160 3.62 -13.15 6.27
C ALA A 160 2.56 -12.31 5.57
N ILE A 161 2.10 -11.25 6.23
CA ILE A 161 1.15 -10.29 5.66
C ILE A 161 1.74 -9.63 4.41
N ALA A 162 3.00 -9.22 4.46
CA ALA A 162 3.64 -8.58 3.29
C ALA A 162 3.73 -9.55 2.09
N ILE A 163 3.97 -10.83 2.37
CA ILE A 163 3.98 -11.85 1.30
C ILE A 163 2.59 -12.00 0.68
N LEU A 164 1.56 -12.09 1.50
CA LEU A 164 0.18 -12.19 0.99
C LEU A 164 -0.21 -11.01 0.11
N ASN A 165 0.28 -9.82 0.42
CA ASN A 165 -0.05 -8.62 -0.36
C ASN A 165 0.97 -8.31 -1.45
N THR A 166 1.87 -9.25 -1.72
CA THR A 166 2.68 -9.23 -2.92
C THR A 166 1.84 -9.79 -4.08
N HIS A 167 1.99 -9.17 -5.26
CA HIS A 167 1.25 -9.56 -6.46
C HIS A 167 1.46 -11.04 -6.80
N GLY A 168 0.35 -11.76 -6.93
CA GLY A 168 0.37 -13.16 -7.31
C GLY A 168 0.58 -14.13 -6.18
N CYS A 169 0.62 -13.65 -4.93
CA CYS A 169 0.91 -14.51 -3.78
C CYS A 169 -0.23 -14.63 -2.79
N ASN A 170 -1.37 -13.98 -3.05
CA ASN A 170 -2.46 -13.98 -2.07
C ASN A 170 -3.33 -15.21 -2.22
N ILE A 171 -2.95 -16.26 -1.49
CA ILE A 171 -3.71 -17.50 -1.51
C ILE A 171 -5.13 -17.38 -0.96
N PHE A 172 -5.43 -16.31 -0.25
CA PHE A 172 -6.76 -16.07 0.28
C PHE A 172 -7.56 -15.01 -0.48
N ASP A 173 -7.12 -14.57 -1.66
CA ASP A 173 -7.79 -13.44 -2.35
C ASP A 173 -9.18 -13.79 -2.90
N HIS A 174 -9.54 -15.08 -2.87
CA HIS A 174 -10.86 -15.58 -3.22
C HIS A 174 -11.73 -15.97 -1.97
N PHE A 175 -11.17 -15.83 -0.76
CA PHE A 175 -11.92 -16.04 0.48
C PHE A 175 -13.02 -15.00 0.69
N SER A 176 -14.08 -15.42 1.38
CA SER A 176 -15.08 -14.48 1.83
C SER A 176 -14.43 -13.46 2.77
N ARG A 177 -15.09 -12.33 2.93
CA ARG A 177 -14.65 -11.28 3.85
C ARG A 177 -14.57 -11.86 5.27
N LYS A 178 -15.58 -12.64 5.67
CA LYS A 178 -15.58 -13.33 6.98
C LYS A 178 -14.37 -14.25 7.13
N ASP A 179 -14.15 -15.10 6.13
CA ASP A 179 -13.08 -16.11 6.20
C ASP A 179 -11.67 -15.51 6.08
N TYR A 180 -11.52 -14.46 5.27
CA TYR A 180 -10.23 -13.77 5.13
C TYR A 180 -9.81 -13.22 6.48
N GLN A 181 -10.75 -12.55 7.15
CA GLN A 181 -10.52 -11.96 8.47
C GLN A 181 -10.17 -13.00 9.52
N ARG A 182 -10.95 -14.07 9.56
CA ARG A 182 -10.72 -15.17 10.48
C ARG A 182 -9.31 -15.75 10.28
N MET A 183 -8.92 -15.95 9.03
CA MET A 183 -7.63 -16.50 8.67
C MET A 183 -6.49 -15.63 9.19
N LEU A 184 -6.60 -14.32 8.96
CA LEU A 184 -5.63 -13.37 9.48
C LEU A 184 -5.56 -13.34 11.02
N ASP A 185 -6.70 -13.38 11.69
CA ASP A 185 -6.72 -13.44 13.16
C ASP A 185 -6.12 -14.72 13.70
N LEU A 186 -6.34 -15.83 12.99
CA LEU A 186 -5.78 -17.12 13.39
C LEU A 186 -4.27 -17.12 13.23
N MET A 187 -3.78 -16.68 12.07
CA MET A 187 -2.33 -16.62 11.83
C MET A 187 -1.61 -15.75 12.85
N ARG A 188 -2.18 -14.58 13.15
CA ARG A 188 -1.62 -13.72 14.17
C ARG A 188 -1.58 -14.41 15.55
N ASP A 189 -2.71 -14.95 16.01
CA ASP A 189 -2.77 -15.65 17.30
C ASP A 189 -1.82 -16.84 17.42
N ILE A 190 -1.75 -17.62 16.35
CA ILE A 190 -0.93 -18.82 16.31
C ILE A 190 0.56 -18.47 16.28
N ILE A 191 0.95 -17.50 15.46
CA ILE A 191 2.34 -17.07 15.39
C ILE A 191 2.77 -16.44 16.72
N LEU A 192 1.92 -15.61 17.33
CA LEU A 192 2.23 -15.03 18.65
C LEU A 192 2.39 -16.10 19.72
N ALA A 193 1.70 -17.23 19.58
CA ALA A 193 1.84 -18.35 20.51
C ALA A 193 3.19 -19.07 20.48
N THR A 194 4.02 -18.81 19.48
CA THR A 194 5.39 -19.35 19.43
C THR A 194 6.42 -18.63 20.34
N ASP A 195 6.03 -17.50 20.93
CA ASP A 195 6.84 -16.85 21.97
C ASP A 195 6.71 -17.69 23.26
N LEU A 196 7.84 -18.15 23.80
CA LEU A 196 7.82 -18.90 25.08
C LEU A 196 7.10 -18.16 26.22
N ALA A 197 7.26 -16.84 26.26
CA ALA A 197 6.54 -16.01 27.22
C ALA A 197 5.01 -16.19 27.14
N HIS A 198 4.47 -16.28 25.91
CA HIS A 198 3.05 -16.56 25.70
C HIS A 198 2.65 -17.92 26.30
N HIS A 199 3.39 -18.95 25.93
CA HIS A 199 3.16 -20.31 26.41
C HIS A 199 3.13 -20.41 27.92
N LEU A 200 4.09 -19.74 28.57
CA LEU A 200 4.13 -19.75 30.04
C LEU A 200 2.94 -19.02 30.68
N ARG A 201 2.44 -17.96 30.03
CA ARG A 201 1.21 -17.29 30.51
C ARG A 201 -0.01 -18.21 30.49
N ILE A 202 -0.17 -18.95 29.39
CA ILE A 202 -1.35 -19.81 29.17
C ILE A 202 -1.24 -21.23 29.74
N PHE A 203 -0.08 -21.59 30.28
CA PHE A 203 0.19 -22.96 30.72
C PHE A 203 -0.84 -23.47 31.72
N LYS A 204 -1.20 -22.62 32.69
CA LYS A 204 -2.24 -22.96 33.67
C LYS A 204 -3.57 -23.28 32.99
N ASP A 205 -3.92 -22.52 31.95
CA ASP A 205 -5.14 -22.75 31.19
C ASP A 205 -5.09 -24.08 30.40
N LEU A 206 -3.93 -24.38 29.82
CA LEU A 206 -3.74 -25.65 29.09
C LEU A 206 -3.92 -26.88 29.98
N GLN A 207 -3.38 -26.80 31.20
CA GLN A 207 -3.54 -27.89 32.19
C GLN A 207 -5.00 -28.10 32.62
N LYS A 208 -5.69 -27.01 32.90
CA LYS A 208 -7.12 -27.02 33.19
C LYS A 208 -7.85 -27.80 32.09
N MET A 209 -7.63 -27.38 30.84
CA MET A 209 -8.27 -27.99 29.66
C MET A 209 -7.97 -29.48 29.53
N ALA A 210 -6.73 -29.87 29.80
CA ALA A 210 -6.32 -31.28 29.70
C ALA A 210 -7.01 -32.19 30.73
N GLU A 211 -7.18 -31.70 31.95
CA GLU A 211 -7.78 -32.49 33.03
C GLU A 211 -9.30 -32.59 32.92
N VAL A 212 -9.98 -31.46 32.69
CA VAL A 212 -11.45 -31.49 32.48
C VAL A 212 -11.84 -32.19 31.16
N GLY A 213 -10.97 -32.10 30.17
CA GLY A 213 -11.18 -32.73 28.87
C GLY A 213 -11.53 -31.68 27.81
N TYR A 214 -11.13 -31.95 26.58
CA TYR A 214 -11.44 -31.04 25.46
C TYR A 214 -12.94 -31.01 25.14
N ASP A 215 -13.42 -29.83 24.80
CA ASP A 215 -14.84 -29.55 24.58
C ASP A 215 -14.91 -28.85 23.24
N ARG A 216 -15.38 -29.58 22.22
CA ARG A 216 -15.41 -29.05 20.85
C ARG A 216 -16.31 -27.82 20.70
N ASN A 217 -17.28 -27.65 21.59
CA ASN A 217 -18.17 -26.47 21.60
C ASN A 217 -17.65 -25.25 22.36
N ASN A 218 -16.48 -25.36 23.02
CA ASN A 218 -15.87 -24.26 23.76
C ASN A 218 -14.84 -23.56 22.86
N LYS A 219 -15.11 -22.32 22.48
CA LYS A 219 -14.22 -21.57 21.55
C LYS A 219 -12.88 -21.16 22.18
N GLN A 220 -12.87 -20.98 23.50
CA GLN A 220 -11.63 -20.83 24.27
C GLN A 220 -10.72 -22.07 24.16
N HIS A 221 -11.31 -23.26 24.23
CA HIS A 221 -10.57 -24.50 24.05
C HIS A 221 -9.94 -24.64 22.68
N HIS A 222 -10.63 -24.18 21.62
CA HIS A 222 -10.04 -24.15 20.27
C HIS A 222 -8.79 -23.28 20.24
N ARG A 223 -8.88 -22.07 20.81
CA ARG A 223 -7.73 -21.13 20.89
C ARG A 223 -6.55 -21.77 21.61
N LEU A 224 -6.82 -22.33 22.79
CA LEU A 224 -5.80 -22.98 23.59
C LEU A 224 -5.19 -24.17 22.88
N LEU A 225 -6.00 -24.98 22.22
CA LEU A 225 -5.49 -26.15 21.50
C LEU A 225 -4.59 -25.74 20.33
N LEU A 226 -4.96 -24.70 19.60
CA LEU A 226 -4.12 -24.18 18.51
C LEU A 226 -2.75 -23.70 19.01
N CYS A 227 -2.70 -23.05 20.18
CA CYS A 227 -1.42 -22.63 20.79
C CYS A 227 -0.57 -23.84 21.17
N LEU A 228 -1.18 -24.80 21.86
CA LEU A 228 -0.52 -26.05 22.22
C LEU A 228 0.04 -26.79 21.00
N LEU A 229 -0.78 -26.96 19.97
CA LEU A 229 -0.35 -27.64 18.74
C LEU A 229 0.79 -26.90 18.05
N MET A 230 0.69 -25.57 17.99
CA MET A 230 1.77 -24.76 17.39
C MET A 230 3.09 -24.97 18.12
N THR A 231 3.08 -24.91 19.45
CA THR A 231 4.30 -25.13 20.22
C THR A 231 4.80 -26.56 20.06
N SER A 232 3.88 -27.52 19.97
CA SER A 232 4.21 -28.93 19.71
C SER A 232 4.94 -29.08 18.37
N CYS A 233 4.50 -28.32 17.37
CA CYS A 233 5.15 -28.33 16.06
C CYS A 233 6.52 -27.66 16.10
N ASP A 234 6.62 -26.57 16.84
CA ASP A 234 7.83 -25.78 16.93
C ASP A 234 8.96 -26.59 17.58
N LEU A 235 8.62 -27.44 18.57
CA LEU A 235 9.60 -28.26 19.28
C LEU A 235 9.67 -29.71 18.78
N SER A 236 9.09 -29.99 17.61
CA SER A 236 8.96 -31.35 17.09
C SER A 236 10.28 -32.13 16.87
N ASP A 237 11.39 -31.42 16.71
CA ASP A 237 12.71 -32.09 16.61
C ASP A 237 13.04 -32.95 17.83
N GLN A 238 12.48 -32.58 18.99
CA GLN A 238 12.62 -33.38 20.22
C GLN A 238 11.90 -34.74 20.18
N THR A 239 10.99 -34.94 19.22
CA THR A 239 10.21 -36.18 19.11
C THR A 239 10.83 -37.24 18.16
N LYS A 240 11.93 -36.89 17.49
CA LYS A 240 12.61 -37.79 16.55
C LYS A 240 13.68 -38.58 17.32
N GLY A 241 14.61 -39.22 16.60
CA GLY A 241 15.69 -39.99 17.24
C GLY A 241 16.79 -39.10 17.82
N TRP A 242 17.69 -39.72 18.56
CA TRP A 242 18.85 -39.04 19.16
C TRP A 242 19.68 -38.20 18.16
N LYS A 243 19.89 -38.74 16.96
CA LYS A 243 20.65 -38.07 15.91
C LYS A 243 20.11 -36.69 15.55
N THR A 244 18.78 -36.56 15.56
CA THR A 244 18.12 -35.30 15.29
C THR A 244 18.26 -34.32 16.47
N THR A 245 17.98 -34.75 17.71
CA THR A 245 18.05 -33.84 18.87
C THR A 245 19.46 -33.30 19.10
N ARG A 246 20.45 -34.17 18.96
CA ARG A 246 21.86 -33.80 19.05
C ARG A 246 22.26 -32.72 18.03
N LYS A 247 21.88 -32.92 16.76
CA LYS A 247 22.18 -31.97 15.70
C LYS A 247 21.44 -30.64 15.89
N ILE A 248 20.16 -30.71 16.23
CA ILE A 248 19.37 -29.51 16.49
C ILE A 248 19.90 -28.74 17.70
N ALA A 249 20.28 -29.46 18.76
CA ALA A 249 20.91 -28.82 19.91
C ALA A 249 22.16 -28.05 19.48
N GLU A 250 23.02 -28.69 18.71
CA GLU A 250 24.23 -28.05 18.16
C GLU A 250 23.90 -26.74 17.44
N LEU A 251 22.87 -26.75 16.59
CA LEU A 251 22.52 -25.56 15.81
C LEU A 251 21.97 -24.47 16.71
N ILE A 252 21.16 -24.84 17.69
CA ILE A 252 20.59 -23.90 18.67
C ILE A 252 21.69 -23.18 19.45
N TYR A 253 22.63 -23.95 20.02
CA TYR A 253 23.71 -23.37 20.82
C TYR A 253 24.63 -22.50 19.97
N LYS A 254 24.86 -22.90 18.72
CA LYS A 254 25.59 -22.05 17.76
C LYS A 254 24.97 -20.65 17.65
N GLU A 255 23.64 -20.62 17.47
CA GLU A 255 22.91 -19.35 17.43
C GLU A 255 23.03 -18.58 18.75
N PHE A 256 22.80 -19.26 19.86
CA PHE A 256 22.81 -18.63 21.20
C PHE A 256 24.16 -18.00 21.52
N PHE A 257 25.24 -18.69 21.18
CA PHE A 257 26.60 -18.22 21.50
C PHE A 257 27.05 -17.10 20.56
N SER A 258 26.57 -17.10 19.31
CA SER A 258 26.74 -15.94 18.42
C SER A 258 26.09 -14.68 18.99
N GLN A 259 24.86 -14.84 19.46
CA GLN A 259 24.15 -13.73 20.09
C GLN A 259 24.94 -13.22 21.33
N GLY A 260 25.35 -14.16 22.18
CA GLY A 260 26.16 -13.86 23.36
C GLY A 260 27.45 -13.13 23.05
N ASP A 261 28.14 -13.54 21.98
CA ASP A 261 29.33 -12.83 21.50
C ASP A 261 29.00 -11.38 21.12
N LEU A 262 27.91 -11.19 20.38
CA LEU A 262 27.46 -9.85 20.01
C LEU A 262 27.11 -8.99 21.23
N GLU A 263 26.50 -9.60 22.26
CA GLU A 263 26.13 -8.88 23.48
C GLU A 263 27.34 -8.44 24.32
N LYS A 264 28.38 -9.27 24.33
CA LYS A 264 29.66 -8.91 24.96
C LYS A 264 30.35 -7.76 24.24
N ALA A 265 30.35 -7.79 22.92
CA ALA A 265 30.91 -6.71 22.10
C ALA A 265 30.22 -5.33 22.31
N MET A 266 28.94 -5.31 22.70
CA MET A 266 28.23 -4.06 23.00
C MET A 266 28.36 -3.62 24.46
N GLY A 267 29.08 -4.39 25.28
CA GLY A 267 29.29 -4.07 26.69
C GLY A 267 28.28 -4.68 27.65
N ASN A 268 27.29 -5.38 27.12
CA ASN A 268 26.26 -6.01 27.94
C ASN A 268 26.72 -7.38 28.42
N ARG A 269 25.97 -7.90 29.38
CA ARG A 269 26.26 -9.18 30.03
C ARG A 269 25.21 -10.20 29.59
N PRO A 270 25.60 -11.19 28.74
CA PRO A 270 24.61 -12.13 28.21
C PRO A 270 24.13 -13.10 29.28
N MET A 271 22.97 -13.71 29.04
CA MET A 271 22.44 -14.76 29.90
C MET A 271 23.41 -15.93 29.90
N GLU A 272 23.40 -16.73 30.95
CA GLU A 272 24.33 -17.86 31.09
C GLU A 272 24.26 -18.76 29.86
N MET A 273 23.04 -19.06 29.40
CA MET A 273 22.84 -19.92 28.25
C MET A 273 23.30 -19.35 26.91
N MET A 274 23.51 -18.05 26.84
CA MET A 274 24.06 -17.40 25.63
C MET A 274 25.59 -17.27 25.69
N ASP A 275 26.19 -17.52 26.86
CA ASP A 275 27.62 -17.26 27.10
C ASP A 275 28.39 -18.54 26.88
N ARG A 276 29.18 -18.59 25.81
CA ARG A 276 29.94 -19.81 25.50
C ARG A 276 31.01 -20.17 26.55
N GLU A 277 31.40 -19.23 27.41
CA GLU A 277 32.36 -19.49 28.50
C GLU A 277 31.69 -19.99 29.78
N LYS A 278 30.37 -19.87 29.90
CA LYS A 278 29.64 -20.30 31.12
C LYS A 278 28.57 -21.39 30.90
N ALA A 279 27.98 -21.41 29.71
CA ALA A 279 26.94 -22.40 29.37
C ALA A 279 27.52 -23.82 29.47
N TYR A 280 26.85 -24.65 30.26
CA TYR A 280 27.15 -26.07 30.34
C TYR A 280 25.97 -26.76 29.69
N ILE A 281 26.21 -27.29 28.48
CA ILE A 281 25.14 -27.76 27.61
C ILE A 281 24.24 -28.85 28.21
N PRO A 282 24.81 -29.88 28.84
CA PRO A 282 23.93 -30.91 29.45
C PRO A 282 22.88 -30.39 30.45
N GLU A 283 23.29 -29.48 31.34
CA GLU A 283 22.37 -28.87 32.31
C GLU A 283 21.26 -28.06 31.61
N LEU A 284 21.65 -27.26 30.62
CA LEU A 284 20.70 -26.45 29.86
C LEU A 284 19.74 -27.27 29.03
N GLN A 285 20.23 -28.32 28.34
CA GLN A 285 19.36 -29.20 27.55
C GLN A 285 18.37 -29.92 28.43
N ILE A 286 18.87 -30.50 29.53
CA ILE A 286 18.01 -31.24 30.46
C ILE A 286 16.96 -30.33 31.08
N SER A 287 17.31 -29.09 31.41
CA SER A 287 16.33 -28.11 31.89
C SER A 287 15.27 -27.79 30.82
N PHE A 288 15.74 -27.44 29.63
CA PHE A 288 14.85 -27.19 28.53
C PHE A 288 13.90 -28.37 28.35
N MET A 289 14.42 -29.59 28.39
CA MET A 289 13.58 -30.75 28.16
C MET A 289 12.63 -31.09 29.30
N GLU A 290 13.10 -31.04 30.55
CA GLU A 290 12.21 -31.29 31.71
C GLU A 290 11.14 -30.22 31.88
N HIS A 291 11.49 -28.96 31.62
CA HIS A 291 10.65 -27.82 32.02
C HIS A 291 9.83 -27.17 30.91
N ILE A 292 10.23 -27.37 29.66
CA ILE A 292 9.57 -26.79 28.50
C ILE A 292 9.00 -27.89 27.58
N ALA A 293 9.87 -28.72 26.99
CA ALA A 293 9.46 -29.72 26.00
C ALA A 293 8.55 -30.83 26.56
N MET A 294 8.99 -31.55 27.59
CA MET A 294 8.21 -32.66 28.11
C MET A 294 6.80 -32.29 28.57
N PRO A 295 6.61 -31.14 29.28
CA PRO A 295 5.22 -30.79 29.65
C PRO A 295 4.33 -30.46 28.46
N ILE A 296 4.89 -29.89 27.40
CA ILE A 296 4.14 -29.68 26.16
C ILE A 296 3.61 -31.02 25.63
N TYR A 297 4.48 -32.03 25.51
CA TYR A 297 4.05 -33.33 24.97
C TYR A 297 3.24 -34.18 25.94
N LYS A 298 3.42 -33.94 27.24
CA LYS A 298 2.56 -34.53 28.27
C LYS A 298 1.14 -34.00 28.11
N LEU A 299 1.00 -32.70 27.91
CA LEU A 299 -0.31 -32.09 27.68
C LEU A 299 -0.94 -32.62 26.38
N LEU A 300 -0.14 -32.71 25.33
CA LEU A 300 -0.60 -33.30 24.07
C LEU A 300 -1.08 -34.75 24.26
N GLN A 301 -0.35 -35.54 25.03
CA GLN A 301 -0.71 -36.92 25.38
C GLN A 301 -2.05 -37.00 26.15
N ASP A 302 -2.24 -36.11 27.11
CA ASP A 302 -3.46 -36.06 27.93
C ASP A 302 -4.71 -35.79 27.09
N LEU A 303 -4.56 -34.98 26.04
CA LEU A 303 -5.65 -34.66 25.11
C LEU A 303 -5.83 -35.71 24.02
N PHE A 304 -4.72 -36.20 23.46
CA PHE A 304 -4.73 -37.23 22.40
C PHE A 304 -3.90 -38.43 22.82
N PRO A 305 -4.55 -39.55 23.19
CA PRO A 305 -3.79 -40.76 23.56
C PRO A 305 -2.80 -41.30 22.51
N LYS A 306 -3.08 -41.10 21.23
CA LYS A 306 -2.17 -41.50 20.13
C LYS A 306 -0.87 -40.68 20.04
N ALA A 307 -0.79 -39.57 20.78
CA ALA A 307 0.46 -38.80 20.94
C ALA A 307 1.35 -39.30 22.09
N ALA A 308 1.02 -40.44 22.69
CA ALA A 308 1.82 -41.01 23.76
C ALA A 308 3.25 -41.35 23.29
N GLU A 309 3.38 -41.86 22.07
CA GLU A 309 4.71 -42.15 21.50
C GLU A 309 5.59 -40.90 21.32
N LEU A 310 4.96 -39.72 21.15
CA LEU A 310 5.69 -38.46 21.06
C LEU A 310 6.31 -38.07 22.40
N TYR A 311 5.50 -38.09 23.45
CA TYR A 311 5.99 -37.84 24.80
C TYR A 311 7.08 -38.82 25.21
N GLU A 312 6.90 -40.11 24.90
CA GLU A 312 7.89 -41.14 25.26
C GLU A 312 9.23 -40.98 24.52
N ARG A 313 9.21 -40.42 23.32
CA ARG A 313 10.44 -40.18 22.57
C ARG A 313 11.19 -38.98 23.14
N VAL A 314 10.46 -37.95 23.55
CA VAL A 314 11.06 -36.77 24.17
C VAL A 314 11.70 -37.16 25.50
N ALA A 315 10.99 -37.94 26.30
CA ALA A 315 11.52 -38.46 27.57
C ALA A 315 12.74 -39.34 27.36
N SER A 316 12.70 -40.20 26.35
CA SER A 316 13.86 -41.05 26.02
C SER A 316 15.04 -40.19 25.55
N ASN A 317 14.78 -39.15 24.75
CA ASN A 317 15.83 -38.22 24.34
C ASN A 317 16.42 -37.46 25.52
N ARG A 318 15.60 -37.12 26.51
CA ARG A 318 16.10 -36.54 27.75
C ARG A 318 16.97 -37.50 28.58
N GLU A 319 16.58 -38.77 28.67
CA GLU A 319 17.41 -39.80 29.31
C GLU A 319 18.77 -39.92 28.60
N HIS A 320 18.77 -39.79 27.27
CA HIS A 320 20.00 -39.87 26.47
C HIS A 320 20.95 -38.70 26.77
N TRP A 321 20.41 -37.49 26.96
CA TRP A 321 21.20 -36.33 27.37
C TRP A 321 21.86 -36.54 28.73
N THR A 322 21.16 -37.17 29.67
CA THR A 322 21.76 -37.56 30.95
C THR A 322 22.89 -38.58 30.78
N LYS A 323 22.71 -39.60 29.93
CA LYS A 323 23.74 -40.65 29.72
C LYS A 323 25.05 -40.10 29.15
N VAL A 324 24.96 -39.15 28.22
CA VAL A 324 26.16 -38.57 27.61
C VAL A 324 26.75 -37.34 28.34
N SER A 325 26.11 -36.90 29.43
CA SER A 325 26.60 -35.74 30.21
C SER A 325 28.08 -35.84 30.56
N HIS A 326 28.50 -37.03 31.02
CA HIS A 326 29.89 -37.30 31.41
C HIS A 326 30.93 -36.96 30.32
N LYS A 327 30.53 -36.99 29.05
CA LYS A 327 31.44 -36.69 27.93
C LYS A 327 31.84 -35.22 27.79
N PHE A 328 31.16 -34.31 28.50
CA PHE A 328 31.60 -32.92 28.56
C PHE A 328 32.75 -32.68 29.58
N THR A 329 33.25 -33.72 30.24
CA THR A 329 34.45 -33.63 31.05
C THR A 329 35.69 -34.05 30.24
N ILE A 330 36.63 -33.11 30.06
CA ILE A 330 37.82 -33.32 29.23
C ILE A 330 38.71 -34.41 29.84
N ARG A 331 38.86 -35.50 29.09
CA ARG A 331 39.78 -36.58 29.42
C ARG A 331 41.01 -36.38 28.55
N GLY A 332 42.17 -36.72 29.11
CA GLY A 332 43.43 -36.45 28.46
C GLY A 332 43.67 -34.97 28.30
N LEU A 333 44.37 -34.61 27.24
CA LEU A 333 44.57 -33.20 26.86
C LEU A 333 43.47 -32.79 25.91
N PRO A 334 43.14 -31.49 25.85
CA PRO A 334 42.20 -31.04 24.82
C PRO A 334 42.72 -31.30 23.41
N SER A 335 41.84 -31.25 22.41
CA SER A 335 42.22 -31.48 20.99
C SER A 335 43.36 -30.55 20.53
N ASN A 336 43.29 -29.31 21.03
CA ASN A 336 44.42 -28.34 21.10
C ASN A 336 45.80 -28.97 21.31
N ASN A 337 45.84 -29.95 22.22
CA ASN A 337 47.05 -30.66 22.63
C ASN A 337 47.92 -29.73 23.52
N SER A 338 47.23 -28.88 24.29
CA SER A 338 47.82 -27.77 25.03
C SER A 338 47.06 -27.52 26.34
N LEU A 339 47.78 -27.07 27.36
CA LEU A 339 47.15 -26.67 28.64
C LEU A 339 47.07 -25.15 28.82
N ASP A 340 47.26 -24.37 27.76
CA ASP A 340 47.26 -22.90 27.83
C ASP A 340 45.96 -22.30 28.38
N PHE A 341 44.86 -22.99 28.14
CA PHE A 341 43.54 -22.55 28.63
C PHE A 341 43.36 -22.43 30.16
N LEU A 342 44.32 -22.87 30.98
CA LEU A 342 44.22 -22.72 32.43
C LEU A 342 44.64 -21.31 32.92
N SER B 4 10.03 15.14 -8.00
CA SER B 4 10.87 14.99 -9.25
C SER B 4 12.36 15.22 -8.96
N ASP B 5 13.19 14.92 -9.97
CA ASP B 5 14.66 15.07 -9.87
C ASP B 5 15.09 16.48 -9.46
N ASP B 6 14.60 17.48 -10.19
CA ASP B 6 15.06 18.87 -9.99
C ASP B 6 14.60 19.49 -8.65
N GLU B 7 13.61 18.90 -7.98
CA GLU B 7 13.31 19.26 -6.59
C GLU B 7 14.47 18.90 -5.63
N TYR B 8 15.14 17.76 -5.86
CA TYR B 8 16.36 17.38 -5.11
C TYR B 8 17.50 18.35 -5.43
N THR B 9 17.72 18.58 -6.71
CA THR B 9 18.80 19.42 -7.23
C THR B 9 18.74 20.85 -6.73
N LYS B 10 17.56 21.46 -6.76
CA LYS B 10 17.36 22.84 -6.29
C LYS B 10 17.43 22.93 -4.77
N LEU B 11 16.94 21.90 -4.07
CA LEU B 11 17.00 21.86 -2.63
C LEU B 11 18.44 21.62 -2.14
N LEU B 12 19.25 20.95 -2.95
CA LEU B 12 20.64 20.62 -2.60
C LEU B 12 21.56 21.83 -2.92
N HIS B 13 21.45 22.34 -4.15
CA HIS B 13 22.43 23.29 -4.73
C HIS B 13 22.21 24.82 -4.58
N ASP B 14 20.96 25.28 -4.43
CA ASP B 14 20.65 26.74 -4.47
C ASP B 14 20.93 27.54 -3.17
N GLY B 15 20.88 26.83 -2.05
CA GLY B 15 21.12 27.41 -0.73
C GLY B 15 19.86 27.54 0.12
N ILE B 16 20.05 27.41 1.43
CA ILE B 16 18.96 27.51 2.39
C ILE B 16 18.61 28.98 2.59
N GLN B 17 17.45 29.41 2.08
CA GLN B 17 16.89 30.75 2.34
C GLN B 17 16.85 31.12 3.82
N PRO B 18 17.19 32.38 4.13
CA PRO B 18 16.79 32.89 5.44
C PRO B 18 15.26 32.99 5.52
N VAL B 19 14.72 32.71 6.69
CA VAL B 19 13.29 32.73 6.90
C VAL B 19 12.58 34.07 6.64
N ALA B 20 13.26 35.19 6.86
CA ALA B 20 12.70 36.50 6.57
C ALA B 20 12.39 36.71 5.07
N ALA B 21 13.22 36.12 4.19
CA ALA B 21 13.06 36.24 2.73
C ALA B 21 11.90 35.44 2.14
N ILE B 22 11.36 34.48 2.91
CA ILE B 22 10.18 33.71 2.48
C ILE B 22 8.92 34.59 2.57
N ASP B 23 8.80 35.30 3.69
CA ASP B 23 7.74 36.29 3.95
C ASP B 23 8.11 37.06 5.23
N SER B 24 7.86 38.37 5.23
CA SER B 24 8.16 39.22 6.39
C SER B 24 7.36 38.83 7.65
N ASN B 25 6.19 38.20 7.44
CA ASN B 25 5.34 37.73 8.52
C ASN B 25 5.49 36.25 8.85
N PHE B 26 6.53 35.59 8.34
CA PHE B 26 6.61 34.12 8.37
C PHE B 26 6.59 33.51 9.78
N ALA B 27 7.14 34.24 10.75
CA ALA B 27 7.18 33.82 12.17
C ALA B 27 6.01 34.34 13.03
N SER B 28 4.98 34.90 12.40
CA SER B 28 3.81 35.40 13.12
C SER B 28 2.69 34.36 13.17
N PHE B 29 1.94 34.37 14.27
CA PHE B 29 0.72 33.57 14.40
C PHE B 29 -0.36 33.90 13.37
N THR B 30 -0.33 35.10 12.77
CA THR B 30 -1.28 35.47 11.72
C THR B 30 -0.97 34.91 10.33
N TYR B 31 0.24 34.37 10.13
CA TYR B 31 0.63 33.83 8.83
C TYR B 31 -0.05 32.50 8.55
N THR B 32 -0.53 32.35 7.33
CA THR B 32 -1.22 31.14 6.89
C THR B 32 -0.25 30.38 6.00
N PRO B 33 0.32 29.26 6.50
CA PRO B 33 1.31 28.51 5.71
C PRO B 33 0.80 27.86 4.43
N ARG B 34 -0.52 27.68 4.30
CA ARG B 34 -1.13 27.22 3.05
C ARG B 34 -1.07 28.24 1.90
N SER B 35 -0.81 29.52 2.22
CA SER B 35 -0.46 30.53 1.22
C SER B 35 0.82 30.26 0.44
N LEU B 36 1.74 29.50 1.01
CA LEU B 36 3.05 29.24 0.37
C LEU B 36 2.86 28.17 -0.71
N PRO B 37 3.34 28.43 -1.94
CA PRO B 37 3.22 27.40 -2.99
C PRO B 37 3.84 26.08 -2.56
N GLU B 38 3.22 24.97 -2.96
CA GLU B 38 3.67 23.65 -2.56
C GLU B 38 5.14 23.37 -2.94
N ASP B 39 5.56 23.88 -4.10
CA ASP B 39 6.95 23.76 -4.56
C ASP B 39 8.00 24.47 -3.73
N ASP B 40 7.60 25.41 -2.86
CA ASP B 40 8.51 26.12 -1.94
C ASP B 40 8.50 25.55 -0.51
N THR B 41 7.63 24.57 -0.22
CA THR B 41 7.46 24.09 1.15
C THR B 41 8.67 23.30 1.68
N SER B 42 9.35 22.56 0.81
CA SER B 42 10.53 21.78 1.21
C SER B 42 11.67 22.69 1.63
N MET B 43 11.91 23.75 0.85
CA MET B 43 12.89 24.78 1.22
C MET B 43 12.52 25.47 2.53
N ALA B 44 11.24 25.76 2.74
CA ALA B 44 10.77 26.39 3.97
C ALA B 44 11.00 25.50 5.20
N ILE B 45 10.84 24.18 5.03
CA ILE B 45 11.18 23.23 6.11
C ILE B 45 12.66 23.43 6.49
N LEU B 46 13.54 23.44 5.50
CA LEU B 46 14.96 23.62 5.75
C LEU B 46 15.24 24.97 6.41
N SER B 47 14.60 26.04 5.93
CA SER B 47 14.74 27.36 6.55
C SER B 47 14.29 27.40 7.99
N MET B 48 13.22 26.71 8.31
CA MET B 48 12.75 26.65 9.71
C MET B 48 13.72 25.90 10.65
N LEU B 49 14.23 24.76 10.20
CA LEU B 49 15.26 24.02 10.94
C LEU B 49 16.54 24.84 11.11
N GLN B 50 16.92 25.58 10.07
CA GLN B 50 18.07 26.49 10.13
C GLN B 50 17.87 27.60 11.17
N ASP B 51 16.69 28.21 11.17
CA ASP B 51 16.38 29.33 12.07
C ASP B 51 16.18 28.91 13.53
N MET B 52 15.73 27.68 13.77
CA MET B 52 15.70 27.10 15.12
C MET B 52 17.09 26.57 15.56
N ASN B 53 18.05 26.57 14.63
CA ASN B 53 19.43 26.17 14.87
C ASN B 53 19.68 24.67 15.06
N PHE B 54 18.74 23.81 14.66
CA PHE B 54 18.89 22.37 14.81
C PHE B 54 19.89 21.73 13.88
N ILE B 55 20.14 22.34 12.73
CA ILE B 55 21.09 21.77 11.76
C ILE B 55 22.51 21.84 12.31
N ASN B 56 22.87 23.00 12.87
CA ASN B 56 24.17 23.18 13.53
C ASN B 56 24.24 22.47 14.89
N ASN B 57 23.17 22.57 15.68
CA ASN B 57 23.08 21.93 17.00
C ASN B 57 23.39 20.46 16.91
N TYR B 58 22.72 19.76 16.00
CA TYR B 58 22.84 18.31 15.88
C TYR B 58 23.73 17.84 14.75
N LYS B 59 24.36 18.78 14.05
CA LYS B 59 25.33 18.48 12.98
C LYS B 59 24.70 17.58 11.94
N ILE B 60 23.55 18.01 11.45
CA ILE B 60 22.80 17.23 10.49
C ILE B 60 23.49 17.45 9.15
N ASP B 61 23.73 16.37 8.41
CA ASP B 61 24.26 16.46 7.05
C ASP B 61 23.15 17.07 6.15
N CYS B 62 23.44 18.17 5.46
CA CYS B 62 22.41 18.88 4.68
C CYS B 62 21.83 18.08 3.52
N PRO B 63 22.67 17.38 2.73
CA PRO B 63 22.13 16.49 1.71
C PRO B 63 21.19 15.41 2.28
N THR B 64 21.59 14.78 3.38
CA THR B 64 20.75 13.79 4.05
C THR B 64 19.41 14.42 4.47
N LEU B 65 19.47 15.61 5.05
CA LEU B 65 18.28 16.34 5.44
C LEU B 65 17.39 16.72 4.25
N ALA B 66 17.98 17.20 3.17
CA ALA B 66 17.21 17.51 1.96
C ALA B 66 16.50 16.27 1.43
N ARG B 67 17.21 15.16 1.31
CA ARG B 67 16.60 13.90 0.88
C ARG B 67 15.54 13.41 1.86
N PHE B 68 15.78 13.55 3.17
CA PHE B 68 14.77 13.16 4.16
C PHE B 68 13.48 13.93 3.97
N CYS B 69 13.58 15.25 3.80
CA CYS B 69 12.41 16.11 3.60
C CYS B 69 11.60 15.78 2.35
N LEU B 70 12.29 15.48 1.26
CA LEU B 70 11.62 15.13 0.00
C LEU B 70 10.94 13.78 0.08
N MET B 71 11.56 12.83 0.77
CA MET B 71 10.94 11.53 1.03
C MET B 71 9.69 11.64 1.90
N VAL B 72 9.73 12.49 2.93
CA VAL B 72 8.57 12.70 3.78
C VAL B 72 7.40 13.28 2.95
N LYS B 73 7.68 14.35 2.21
CA LYS B 73 6.73 14.96 1.28
C LYS B 73 6.14 13.92 0.33
N LYS B 74 7.01 13.16 -0.32
CA LYS B 74 6.62 12.07 -1.24
C LYS B 74 5.75 11.00 -0.57
N GLY B 75 5.94 10.78 0.74
CA GLY B 75 5.14 9.81 1.50
C GLY B 75 3.70 10.20 1.85
N TYR B 76 3.29 11.43 1.54
CA TYR B 76 1.90 11.84 1.66
C TYR B 76 1.17 11.58 0.34
N ARG B 77 -0.07 11.12 0.45
CA ARG B 77 -0.97 10.96 -0.68
C ARG B 77 -1.73 12.28 -0.85
N ASP B 78 -2.74 12.31 -1.73
CA ASP B 78 -3.48 13.54 -2.04
C ASP B 78 -4.98 13.46 -1.74
N PRO B 79 -5.37 12.97 -0.53
CA PRO B 79 -6.78 13.16 -0.20
C PRO B 79 -7.03 14.65 0.08
N PRO B 80 -8.29 15.05 0.27
CA PRO B 80 -8.59 16.48 0.40
C PRO B 80 -7.91 17.22 1.53
N TYR B 81 -7.81 16.62 2.71
CA TYR B 81 -7.20 17.26 3.88
C TYR B 81 -5.84 16.69 4.29
N HIS B 82 -5.76 15.37 4.43
CA HIS B 82 -4.56 14.72 4.99
C HIS B 82 -3.48 14.48 3.93
N ASN B 83 -2.94 15.59 3.44
CA ASN B 83 -1.92 15.62 2.38
C ASN B 83 -0.68 16.34 2.89
N TRP B 84 0.33 16.48 2.04
CA TRP B 84 1.57 17.17 2.44
C TRP B 84 1.32 18.58 3.00
N MET B 85 0.46 19.38 2.37
CA MET B 85 0.18 20.75 2.86
C MET B 85 -0.37 20.80 4.30
N HIS B 86 -1.07 19.76 4.73
CA HIS B 86 -1.45 19.64 6.13
C HIS B 86 -0.20 19.45 7.00
N ALA B 87 0.62 18.47 6.65
CA ALA B 87 1.87 18.20 7.38
C ALA B 87 2.80 19.40 7.44
N PHE B 88 2.94 20.11 6.31
CA PHE B 88 3.71 21.36 6.29
C PHE B 88 3.13 22.45 7.23
N SER B 89 1.80 22.62 7.17
CA SER B 89 1.08 23.56 8.04
C SER B 89 1.28 23.27 9.52
N VAL B 90 1.19 22.00 9.87
CA VAL B 90 1.35 21.56 11.25
C VAL B 90 2.80 21.80 11.69
N SER B 91 3.77 21.50 10.82
CA SER B 91 5.20 21.73 11.10
C SER B 91 5.49 23.23 11.26
N HIS B 92 4.87 24.04 10.40
CA HIS B 92 5.01 25.46 10.50
C HIS B 92 4.51 25.99 11.84
N PHE B 93 3.41 25.43 12.34
CA PHE B 93 2.89 25.87 13.64
C PHE B 93 3.84 25.53 14.78
N CYS B 94 4.46 24.35 14.71
CA CYS B 94 5.50 23.98 15.68
C CYS B 94 6.63 25.02 15.73
N TYR B 95 7.09 25.43 14.55
CA TYR B 95 8.05 26.53 14.42
C TYR B 95 7.54 27.82 15.09
N LEU B 96 6.28 28.18 14.83
CA LEU B 96 5.68 29.37 15.45
C LEU B 96 5.67 29.28 16.98
N LEU B 97 5.35 28.10 17.52
CA LEU B 97 5.39 27.91 18.97
C LEU B 97 6.80 28.08 19.51
N TYR B 98 7.79 27.53 18.81
CA TYR B 98 9.21 27.78 19.14
C TYR B 98 9.54 29.27 19.18
N LYS B 99 9.17 29.98 18.13
CA LYS B 99 9.49 31.40 17.96
C LYS B 99 8.75 32.34 18.90
N ASN B 100 7.51 32.00 19.25
CA ASN B 100 6.64 32.92 20.00
C ASN B 100 6.46 32.55 21.49
N LEU B 101 6.45 31.25 21.81
CA LEU B 101 6.27 30.81 23.20
C LEU B 101 7.56 30.49 23.94
N GLU B 102 8.71 30.62 23.27
CA GLU B 102 10.02 30.39 23.90
C GLU B 102 10.06 28.99 24.53
N LEU B 103 9.96 27.98 23.67
CA LEU B 103 9.85 26.60 24.12
C LEU B 103 11.12 26.09 24.81
N THR B 104 12.26 26.69 24.49
CA THR B 104 13.52 26.32 25.13
C THR B 104 13.56 26.57 26.63
N ASN B 105 12.66 27.39 27.16
CA ASN B 105 12.49 27.54 28.61
C ASN B 105 11.71 26.39 29.30
N TYR B 106 11.09 25.51 28.51
CA TYR B 106 10.23 24.43 29.03
C TYR B 106 10.69 23.01 28.67
N LEU B 107 11.28 22.85 27.49
CA LEU B 107 11.65 21.54 26.97
C LEU B 107 13.10 21.52 26.55
N GLU B 108 13.67 20.32 26.47
CA GLU B 108 15.02 20.09 25.97
C GLU B 108 15.04 20.31 24.46
N ASP B 109 16.20 20.66 23.91
CA ASP B 109 16.37 20.85 22.48
C ASP B 109 16.02 19.60 21.68
N ILE B 110 16.40 18.43 22.19
CA ILE B 110 16.09 17.17 21.50
C ILE B 110 14.56 16.88 21.48
N GLU B 111 13.84 17.29 22.51
CA GLU B 111 12.39 17.15 22.57
C GLU B 111 11.71 18.06 21.56
N ILE B 112 12.19 19.30 21.46
CA ILE B 112 11.65 20.26 20.48
C ILE B 112 11.97 19.81 19.06
N PHE B 113 13.18 19.29 18.83
CA PHE B 113 13.55 18.76 17.53
C PHE B 113 12.67 17.57 17.14
N ALA B 114 12.48 16.63 18.06
CA ALA B 114 11.58 15.51 17.89
C ALA B 114 10.14 15.93 17.57
N LEU B 115 9.64 16.98 18.22
CA LEU B 115 8.28 17.48 17.96
C LEU B 115 8.14 17.96 16.52
N PHE B 116 9.11 18.73 16.05
CA PHE B 116 9.11 19.25 14.68
C PHE B 116 9.18 18.15 13.62
N ILE B 117 10.08 17.18 13.79
CA ILE B 117 10.16 16.05 12.88
C ILE B 117 8.88 15.23 12.92
N SER B 118 8.33 15.05 14.12
CA SER B 118 7.06 14.34 14.26
C SER B 118 5.94 15.04 13.51
N CYS B 119 5.85 16.37 13.63
CA CYS B 119 4.89 17.17 12.86
C CYS B 119 4.95 16.89 11.35
N MET B 120 6.16 16.80 10.80
CA MET B 120 6.34 16.50 9.38
C MET B 120 5.85 15.10 9.02
N CYS B 121 6.03 14.15 9.94
CA CYS B 121 5.76 12.73 9.70
C CYS B 121 4.41 12.21 10.21
N HIS B 122 3.67 13.00 10.99
CA HIS B 122 2.60 12.43 11.84
C HIS B 122 1.38 11.88 11.13
N ASP B 123 1.17 12.21 9.85
CA ASP B 123 0.08 11.64 9.04
C ASP B 123 0.59 10.91 7.78
N LEU B 124 1.81 10.39 7.81
CA LEU B 124 2.40 9.76 6.61
C LEU B 124 1.54 8.64 6.05
N ASP B 125 1.31 8.68 4.74
CA ASP B 125 0.55 7.69 4.01
C ASP B 125 -0.91 7.62 4.44
N HIS B 126 -1.48 8.74 4.89
CA HIS B 126 -2.91 8.82 5.23
C HIS B 126 -3.73 8.62 3.96
N ARG B 127 -4.86 7.91 4.06
CA ARG B 127 -5.73 7.61 2.89
C ARG B 127 -7.08 8.36 2.87
N GLY B 128 -7.20 9.43 3.64
CA GLY B 128 -8.47 10.07 3.97
C GLY B 128 -9.51 9.29 4.78
N THR B 129 -9.08 8.26 5.49
CA THR B 129 -9.97 7.40 6.28
C THR B 129 -9.45 7.25 7.71
N ASN B 130 -10.37 7.03 8.65
CA ASN B 130 -10.04 7.00 10.07
C ASN B 130 -9.73 5.58 10.58
N ASN B 131 -9.49 5.46 11.88
CA ASN B 131 -9.05 4.19 12.49
C ASN B 131 -10.08 3.06 12.40
N SER B 132 -11.34 3.38 12.69
CA SER B 132 -12.39 2.37 12.57
C SER B 132 -12.64 1.92 11.12
N PHE B 133 -12.45 2.82 10.14
CA PHE B 133 -12.59 2.39 8.74
C PHE B 133 -11.60 1.31 8.35
N GLN B 134 -10.40 1.33 8.93
CA GLN B 134 -9.38 0.31 8.64
C GLN B 134 -9.87 -1.05 9.09
N VAL B 135 -10.48 -1.06 10.27
CA VAL B 135 -11.03 -2.28 10.85
C VAL B 135 -12.27 -2.76 10.08
N ALA B 136 -13.19 -1.85 9.78
CA ALA B 136 -14.36 -2.20 8.97
C ALA B 136 -13.96 -2.66 7.57
N SER B 137 -13.06 -1.95 6.91
CA SER B 137 -12.59 -2.33 5.55
C SER B 137 -11.65 -3.55 5.52
N LYS B 138 -11.20 -4.02 6.70
CA LYS B 138 -10.26 -5.15 6.83
C LYS B 138 -9.02 -4.92 5.96
N SER B 139 -8.47 -3.72 6.06
CA SER B 139 -7.27 -3.32 5.32
C SER B 139 -6.05 -3.97 5.94
N VAL B 140 -4.95 -3.90 5.20
CA VAL B 140 -3.67 -4.42 5.66
C VAL B 140 -3.22 -3.72 6.95
N LEU B 141 -3.51 -2.43 7.09
CA LEU B 141 -3.14 -1.71 8.31
C LEU B 141 -3.85 -2.22 9.57
N ALA B 142 -5.11 -2.63 9.42
CA ALA B 142 -5.87 -3.22 10.53
C ALA B 142 -5.33 -4.59 10.93
N ALA B 143 -5.03 -5.41 9.92
CA ALA B 143 -4.39 -6.69 10.16
C ALA B 143 -3.12 -6.55 11.01
N LEU B 144 -2.27 -5.59 10.66
CA LEU B 144 -1.02 -5.35 11.39
C LEU B 144 -1.18 -4.72 12.78
N TYR B 145 -2.12 -3.78 12.92
CA TYR B 145 -2.19 -2.88 14.10
C TYR B 145 -3.49 -2.88 14.93
N SER B 146 -4.57 -3.53 14.47
CA SER B 146 -5.90 -3.40 15.12
C SER B 146 -6.01 -3.90 16.56
N SER B 147 -5.29 -4.96 16.92
CA SER B 147 -5.26 -5.41 18.31
C SER B 147 -4.51 -4.47 19.28
N GLU B 148 -3.78 -3.49 18.74
CA GLU B 148 -3.00 -2.52 19.54
C GLU B 148 -3.65 -1.09 19.67
N GLY B 149 -4.70 -0.80 18.89
CA GLY B 149 -5.34 0.55 18.90
C GLY B 149 -4.49 1.60 18.18
N SER B 150 -5.03 2.79 17.91
CA SER B 150 -4.34 3.84 17.13
C SER B 150 -3.71 3.31 15.84
N VAL B 151 -4.53 2.65 15.02
CA VAL B 151 -4.06 1.95 13.81
C VAL B 151 -3.31 2.86 12.85
N MET B 152 -3.91 3.99 12.48
CA MET B 152 -3.28 4.91 11.55
C MET B 152 -2.03 5.56 12.13
N GLU B 153 -2.04 5.90 13.40
CA GLU B 153 -0.93 6.59 14.02
C GLU B 153 0.31 5.67 14.11
N ARG B 154 0.07 4.39 14.38
CA ARG B 154 1.15 3.38 14.33
C ARG B 154 1.73 3.19 12.93
N HIS B 155 0.86 3.22 11.94
CA HIS B 155 1.30 3.21 10.55
C HIS B 155 2.14 4.44 10.22
N HIS B 156 1.69 5.62 10.66
CA HIS B 156 2.43 6.86 10.37
C HIS B 156 3.85 6.75 10.90
N PHE B 157 3.97 6.30 12.15
CA PHE B 157 5.27 6.09 12.78
C PHE B 157 6.13 5.06 12.04
N ALA B 158 5.54 3.92 11.68
CA ALA B 158 6.25 2.89 10.90
C ALA B 158 6.74 3.40 9.55
N GLN B 159 5.95 4.27 8.91
CA GLN B 159 6.38 4.92 7.65
C GLN B 159 7.57 5.86 7.90
N ALA B 160 7.55 6.61 8.99
CA ALA B 160 8.67 7.49 9.35
C ALA B 160 9.95 6.68 9.57
N ILE B 161 9.83 5.57 10.28
CA ILE B 161 10.94 4.64 10.50
C ILE B 161 11.47 4.09 9.19
N ALA B 162 10.59 3.70 8.27
CA ALA B 162 11.01 3.17 6.97
C ALA B 162 11.76 4.22 6.14
N ILE B 163 11.35 5.49 6.25
CA ILE B 163 12.06 6.59 5.59
C ILE B 163 13.47 6.79 6.16
N LEU B 164 13.59 6.81 7.49
CA LEU B 164 14.90 6.90 8.14
C LEU B 164 15.85 5.78 7.76
N ASN B 165 15.34 4.58 7.55
CA ASN B 165 16.18 3.43 7.17
C ASN B 165 16.30 3.22 5.66
N THR B 166 15.82 4.20 4.89
CA THR B 166 16.14 4.29 3.47
C THR B 166 17.54 4.90 3.33
N HIS B 167 18.31 4.37 2.38
CA HIS B 167 19.67 4.83 2.13
C HIS B 167 19.71 6.32 1.84
N GLY B 168 20.55 7.04 2.59
CA GLY B 168 20.74 8.47 2.40
C GLY B 168 19.73 9.37 3.08
N CYS B 169 18.80 8.79 3.86
CA CYS B 169 17.74 9.59 4.48
C CYS B 169 17.80 9.62 6.00
N ASN B 170 18.80 8.96 6.59
CA ASN B 170 18.86 8.88 8.05
C ASN B 170 19.52 10.10 8.64
N ILE B 171 18.71 11.10 8.94
CA ILE B 171 19.18 12.32 9.55
C ILE B 171 19.77 12.14 10.96
N PHE B 172 19.51 11.02 11.63
CA PHE B 172 20.07 10.71 12.93
C PHE B 172 21.20 9.68 12.92
N ASP B 173 21.75 9.31 11.77
CA ASP B 173 22.72 8.18 11.73
C ASP B 173 24.07 8.46 12.43
N HIS B 174 24.30 9.72 12.80
CA HIS B 174 25.48 10.16 13.55
C HIS B 174 25.16 10.47 15.04
N PHE B 175 23.89 10.32 15.44
CA PHE B 175 23.50 10.47 16.85
C PHE B 175 24.13 9.40 17.72
N SER B 176 24.35 9.72 18.99
CA SER B 176 24.73 8.72 19.97
C SER B 176 23.62 7.67 20.08
N ARG B 177 23.99 6.50 20.60
CA ARG B 177 23.05 5.40 20.80
C ARG B 177 21.95 5.85 21.75
N LYS B 178 22.31 6.58 22.81
CA LYS B 178 21.35 7.19 23.73
C LYS B 178 20.40 8.14 23.00
N ASP B 179 20.95 9.09 22.24
CA ASP B 179 20.13 10.11 21.57
C ASP B 179 19.27 9.55 20.42
N TYR B 180 19.80 8.57 19.68
CA TYR B 180 19.05 7.92 18.60
C TYR B 180 17.79 7.26 19.16
N GLN B 181 17.97 6.50 20.24
CA GLN B 181 16.88 5.84 20.96
C GLN B 181 15.84 6.83 21.49
N ARG B 182 16.31 7.88 22.17
CA ARG B 182 15.46 8.93 22.71
C ARG B 182 14.61 9.55 21.59
N MET B 183 15.24 9.85 20.46
CA MET B 183 14.59 10.45 19.31
C MET B 183 13.47 9.56 18.78
N LEU B 184 13.74 8.28 18.62
CA LEU B 184 12.72 7.31 18.21
C LEU B 184 11.57 7.17 19.23
N ASP B 185 11.88 7.14 20.52
CA ASP B 185 10.84 7.06 21.56
C ASP B 185 9.98 8.31 21.57
N LEU B 186 10.61 9.46 21.32
CA LEU B 186 9.88 10.73 21.25
C LEU B 186 8.94 10.76 20.06
N MET B 187 9.45 10.43 18.88
CA MET B 187 8.63 10.42 17.68
C MET B 187 7.43 9.49 17.82
N ARG B 188 7.65 8.29 18.36
CA ARG B 188 6.57 7.34 18.59
C ARG B 188 5.53 7.92 19.53
N ASP B 189 5.95 8.41 20.69
CA ASP B 189 5.04 9.00 21.67
C ASP B 189 4.25 10.19 21.15
N ILE B 190 4.94 11.05 20.41
CA ILE B 190 4.35 12.27 19.87
C ILE B 190 3.35 11.95 18.76
N ILE B 191 3.71 11.06 17.85
CA ILE B 191 2.79 10.66 16.77
C ILE B 191 1.59 9.93 17.33
N LEU B 192 1.77 9.03 18.29
CA LEU B 192 0.63 8.38 18.92
C LEU B 192 -0.29 9.37 19.61
N ALA B 193 0.25 10.48 20.10
CA ALA B 193 -0.55 11.51 20.76
C ALA B 193 -1.52 12.24 19.83
N THR B 194 -1.37 12.07 18.51
CA THR B 194 -2.31 12.65 17.55
C THR B 194 -3.64 11.88 17.41
N ASP B 195 -3.74 10.71 18.01
CA ASP B 195 -5.01 9.99 18.10
C ASP B 195 -5.88 10.68 19.17
N LEU B 196 -7.07 11.12 18.80
CA LEU B 196 -7.99 11.74 19.77
C LEU B 196 -8.22 10.89 21.03
N ALA B 197 -8.30 9.57 20.86
CA ALA B 197 -8.44 8.64 21.98
C ALA B 197 -7.31 8.81 23.01
N HIS B 198 -6.08 9.04 22.52
CA HIS B 198 -4.93 9.29 23.41
C HIS B 198 -5.14 10.57 24.21
N HIS B 199 -5.46 11.65 23.50
CA HIS B 199 -5.71 12.95 24.09
C HIS B 199 -6.77 12.91 25.19
N LEU B 200 -7.87 12.20 24.93
CA LEU B 200 -8.92 12.06 25.95
C LEU B 200 -8.48 11.27 27.17
N ARG B 201 -7.60 10.28 26.98
CA ARG B 201 -7.05 9.53 28.13
C ARG B 201 -6.21 10.41 29.06
N ILE B 202 -5.36 11.24 28.46
CA ILE B 202 -4.44 12.11 29.20
C ILE B 202 -5.01 13.48 29.63
N PHE B 203 -6.23 13.81 29.21
CA PHE B 203 -6.81 15.14 29.44
C PHE B 203 -6.83 15.53 30.92
N LYS B 204 -7.22 14.60 31.79
CA LYS B 204 -7.19 14.83 33.23
C LYS B 204 -5.79 15.20 33.73
N ASP B 205 -4.76 14.51 33.21
CA ASP B 205 -3.37 14.80 33.56
C ASP B 205 -2.91 16.18 33.06
N LEU B 206 -3.32 16.55 31.85
CA LEU B 206 -3.03 17.88 31.32
C LEU B 206 -3.60 19.01 32.17
N GLN B 207 -4.84 18.85 32.63
CA GLN B 207 -5.50 19.84 33.49
C GLN B 207 -4.79 20.00 34.83
N LYS B 208 -4.44 18.87 35.44
CA LYS B 208 -3.65 18.83 36.68
C LYS B 208 -2.39 19.69 36.50
N MET B 209 -1.64 19.40 35.44
CA MET B 209 -0.41 20.11 35.10
C MET B 209 -0.63 21.62 34.93
N ALA B 210 -1.73 22.00 34.27
CA ALA B 210 -2.01 23.42 34.00
C ALA B 210 -2.30 24.20 35.29
N GLU B 211 -2.99 23.58 36.23
CA GLU B 211 -3.39 24.25 37.46
C GLU B 211 -2.26 24.34 38.49
N VAL B 212 -1.56 23.23 38.74
CA VAL B 212 -0.38 23.27 39.63
C VAL B 212 0.80 24.08 39.03
N GLY B 213 0.90 24.10 37.71
CA GLY B 213 1.93 24.87 37.00
C GLY B 213 3.01 23.94 36.48
N TYR B 214 3.58 24.31 35.33
CA TYR B 214 4.61 23.50 34.68
C TYR B 214 5.88 23.49 35.52
N ASP B 215 6.52 22.33 35.55
CA ASP B 215 7.68 22.07 36.38
C ASP B 215 8.72 21.49 35.42
N ARG B 216 9.72 22.30 35.09
CA ARG B 216 10.76 21.89 34.14
C ARG B 216 11.56 20.67 34.59
N ASN B 217 11.62 20.41 35.90
CA ASN B 217 12.31 19.24 36.45
C ASN B 217 11.47 17.95 36.53
N ASN B 218 10.19 18.01 36.17
CA ASN B 218 9.30 16.87 36.17
C ASN B 218 9.27 16.27 34.75
N LYS B 219 9.81 15.07 34.58
CA LYS B 219 9.88 14.42 33.25
C LYS B 219 8.52 13.98 32.71
N GLN B 220 7.59 13.67 33.61
CA GLN B 220 6.20 13.46 33.22
C GLN B 220 5.57 14.69 32.60
N HIS B 221 5.87 15.87 33.15
CA HIS B 221 5.37 17.14 32.60
C HIS B 221 5.90 17.42 31.19
N HIS B 222 7.15 17.06 30.92
CA HIS B 222 7.70 17.14 29.56
C HIS B 222 6.89 16.30 28.57
N ARG B 223 6.62 15.06 28.95
CA ARG B 223 5.87 14.13 28.12
C ARG B 223 4.46 14.67 27.83
N LEU B 224 3.79 15.15 28.88
CA LEU B 224 2.45 15.72 28.74
C LEU B 224 2.44 16.98 27.89
N LEU B 225 3.43 17.85 28.08
CA LEU B 225 3.52 19.07 27.29
C LEU B 225 3.74 18.77 25.80
N LEU B 226 4.59 17.79 25.48
CA LEU B 226 4.80 17.38 24.10
C LEU B 226 3.50 16.89 23.42
N CYS B 227 2.69 16.14 24.15
CA CYS B 227 1.39 15.69 23.62
C CYS B 227 0.47 16.88 23.36
N LEU B 228 0.35 17.77 24.35
CA LEU B 228 -0.45 18.96 24.21
C LEU B 228 -0.01 19.82 23.01
N LEU B 229 1.29 20.06 22.89
CA LEU B 229 1.81 20.86 21.78
C LEU B 229 1.56 20.19 20.43
N MET B 230 1.74 18.87 20.37
CA MET B 230 1.46 18.15 19.13
C MET B 230 0.00 18.30 18.71
N THR B 231 -0.93 18.10 19.63
CA THR B 231 -2.35 18.28 19.30
C THR B 231 -2.65 19.75 18.92
N SER B 232 -1.99 20.70 19.60
CA SER B 232 -2.11 22.13 19.28
C SER B 232 -1.66 22.39 17.82
N CYS B 233 -0.59 21.72 17.39
CA CYS B 233 -0.11 21.85 16.03
C CYS B 233 -1.07 21.22 15.02
N ASP B 234 -1.62 20.07 15.40
CA ASP B 234 -2.48 19.29 14.50
C ASP B 234 -3.78 20.03 14.21
N LEU B 235 -4.29 20.76 15.21
CA LEU B 235 -5.50 21.56 15.06
C LEU B 235 -5.27 23.05 14.74
N SER B 236 -4.04 23.43 14.37
CA SER B 236 -3.65 24.84 14.20
C SER B 236 -4.44 25.64 13.16
N ASP B 237 -5.07 24.96 12.20
CA ASP B 237 -5.95 25.65 11.24
C ASP B 237 -7.08 26.44 11.93
N GLN B 238 -7.50 25.96 13.10
CA GLN B 238 -8.54 26.64 13.90
C GLN B 238 -8.10 27.97 14.49
N THR B 239 -6.79 28.25 14.48
CA THR B 239 -6.22 29.49 15.06
C THR B 239 -6.01 30.62 14.05
N LYS B 240 -6.27 30.36 12.76
CA LYS B 240 -6.13 31.35 11.70
C LYS B 240 -7.46 32.09 11.52
N GLY B 241 -7.65 32.81 10.41
CA GLY B 241 -8.91 33.51 10.13
C GLY B 241 -10.05 32.60 9.69
N TRP B 242 -11.24 33.16 9.60
CA TRP B 242 -12.45 32.46 9.12
C TRP B 242 -12.28 31.75 7.77
N LYS B 243 -11.59 32.41 6.82
CA LYS B 243 -11.29 31.87 5.47
C LYS B 243 -10.59 30.50 5.55
N THR B 244 -9.68 30.34 6.51
CA THR B 244 -8.94 29.08 6.70
C THR B 244 -9.84 27.99 7.34
N THR B 245 -10.55 28.30 8.42
CA THR B 245 -11.39 27.29 9.10
C THR B 245 -12.50 26.75 8.21
N ARG B 246 -13.14 27.66 7.47
CA ARG B 246 -14.19 27.31 6.50
C ARG B 246 -13.67 26.34 5.43
N LYS B 247 -12.51 26.65 4.85
CA LYS B 247 -11.90 25.81 3.81
C LYS B 247 -11.47 24.46 4.37
N ILE B 248 -10.83 24.47 5.53
CA ILE B 248 -10.38 23.23 6.17
C ILE B 248 -11.57 22.36 6.58
N ALA B 249 -12.63 22.99 7.09
CA ALA B 249 -13.88 22.26 7.38
C ALA B 249 -14.41 21.57 6.13
N GLU B 250 -14.48 22.30 5.03
CA GLU B 250 -14.87 21.74 3.73
C GLU B 250 -14.07 20.50 3.36
N LEU B 251 -12.74 20.57 3.51
CA LEU B 251 -11.87 19.45 3.14
C LEU B 251 -12.08 18.26 4.06
N ILE B 252 -12.26 18.52 5.34
CA ILE B 252 -12.51 17.48 6.34
C ILE B 252 -13.81 16.72 6.02
N TYR B 253 -14.90 17.45 5.80
CA TYR B 253 -16.19 16.81 5.52
C TYR B 253 -16.16 16.05 4.19
N LYS B 254 -15.44 16.57 3.20
CA LYS B 254 -15.21 15.84 1.96
C LYS B 254 -14.62 14.47 2.22
N GLU B 255 -13.58 14.41 3.06
CA GLU B 255 -12.97 13.14 3.44
C GLU B 255 -13.94 12.25 4.18
N PHE B 256 -14.64 12.81 5.17
CA PHE B 256 -15.59 12.05 5.99
C PHE B 256 -16.70 11.42 5.17
N PHE B 257 -17.24 12.17 4.22
CA PHE B 257 -18.37 11.69 3.42
C PHE B 257 -17.93 10.70 2.36
N SER B 258 -16.71 10.82 1.86
CA SER B 258 -16.11 9.76 1.03
C SER B 258 -16.00 8.44 1.78
N GLN B 259 -15.52 8.51 3.01
CA GLN B 259 -15.43 7.32 3.85
C GLN B 259 -16.82 6.72 4.07
N GLY B 260 -17.78 7.58 4.42
CA GLY B 260 -19.17 7.16 4.60
C GLY B 260 -19.78 6.51 3.38
N ASP B 261 -19.48 7.06 2.20
CA ASP B 261 -19.90 6.42 0.94
C ASP B 261 -19.31 5.01 0.79
N LEU B 262 -18.02 4.88 1.07
CA LEU B 262 -17.35 3.56 1.03
C LEU B 262 -17.93 2.57 2.03
N GLU B 263 -18.30 3.04 3.23
CA GLU B 263 -18.94 2.18 4.24
C GLU B 263 -20.34 1.70 3.84
N LYS B 264 -21.12 2.55 3.18
CA LYS B 264 -22.43 2.18 2.64
C LYS B 264 -22.30 1.12 1.55
N ALA B 265 -21.33 1.30 0.66
CA ALA B 265 -21.03 0.32 -0.40
C ALA B 265 -20.65 -1.09 0.11
N MET B 266 -20.08 -1.18 1.31
CA MET B 266 -19.74 -2.48 1.93
C MET B 266 -20.89 -3.07 2.77
N GLY B 267 -22.01 -2.35 2.86
CA GLY B 267 -23.17 -2.82 3.63
C GLY B 267 -23.22 -2.35 5.07
N ASN B 268 -22.20 -1.61 5.51
CA ASN B 268 -22.15 -1.11 6.87
C ASN B 268 -22.89 0.20 6.98
N ARG B 269 -23.12 0.60 8.23
CA ARG B 269 -23.88 1.81 8.56
C ARG B 269 -22.91 2.84 9.13
N PRO B 270 -22.60 3.92 8.37
CA PRO B 270 -21.59 4.89 8.84
C PRO B 270 -22.10 5.73 10.00
N MET B 271 -21.16 6.32 10.75
CA MET B 271 -21.51 7.26 11.82
C MET B 271 -22.25 8.43 11.21
N GLU B 272 -23.07 9.10 12.00
CA GLU B 272 -23.82 10.26 11.53
C GLU B 272 -22.91 11.29 10.84
N MET B 273 -21.77 11.60 11.46
CA MET B 273 -20.82 12.58 10.89
C MET B 273 -20.13 12.17 9.59
N MET B 274 -20.15 10.89 9.28
CA MET B 274 -19.62 10.39 8.00
C MET B 274 -20.70 10.27 6.91
N ASP B 275 -21.97 10.41 7.28
CA ASP B 275 -23.09 10.18 6.38
C ASP B 275 -23.54 11.52 5.78
N ARG B 276 -23.29 11.71 4.50
CA ARG B 276 -23.66 12.96 3.84
C ARG B 276 -25.17 13.25 3.81
N GLU B 277 -26.00 12.23 4.02
CA GLU B 277 -27.47 12.41 4.07
C GLU B 277 -27.99 12.75 5.48
N LYS B 278 -27.16 12.59 6.52
CA LYS B 278 -27.57 12.87 7.91
C LYS B 278 -26.73 13.93 8.66
N ALA B 279 -25.46 14.07 8.30
CA ALA B 279 -24.58 15.05 8.94
C ALA B 279 -25.12 16.46 8.77
N TYR B 280 -25.25 17.18 9.89
CA TYR B 280 -25.58 18.59 9.91
C TYR B 280 -24.32 19.32 10.36
N ILE B 281 -23.64 19.96 9.40
CA ILE B 281 -22.29 20.50 9.59
C ILE B 281 -22.16 21.50 10.74
N PRO B 282 -23.08 22.47 10.87
CA PRO B 282 -22.93 23.42 12.00
C PRO B 282 -22.88 22.77 13.39
N GLU B 283 -23.74 21.79 13.64
CA GLU B 283 -23.76 21.06 14.93
C GLU B 283 -22.43 20.30 15.15
N LEU B 284 -21.97 19.61 14.12
CA LEU B 284 -20.72 18.87 14.18
C LEU B 284 -19.48 19.76 14.35
N GLN B 285 -19.38 20.88 13.61
CA GLN B 285 -18.27 21.83 13.79
C GLN B 285 -18.25 22.45 15.17
N ILE B 286 -19.41 22.94 15.62
CA ILE B 286 -19.52 23.57 16.93
C ILE B 286 -19.15 22.59 18.04
N SER B 287 -19.56 21.32 17.90
CA SER B 287 -19.16 20.29 18.87
C SER B 287 -17.66 20.09 18.86
N PHE B 288 -17.12 19.85 17.67
CA PHE B 288 -15.71 19.70 17.51
C PHE B 288 -14.98 20.88 18.18
N MET B 289 -15.46 22.11 17.95
CA MET B 289 -14.77 23.27 18.49
C MET B 289 -14.96 23.51 19.99
N GLU B 290 -16.17 23.33 20.52
CA GLU B 290 -16.40 23.43 21.97
C GLU B 290 -15.72 22.33 22.78
N HIS B 291 -15.71 21.11 22.25
CA HIS B 291 -15.32 19.93 23.04
C HIS B 291 -13.90 19.41 22.83
N ILE B 292 -13.30 19.76 21.70
CA ILE B 292 -11.97 19.27 21.34
C ILE B 292 -11.00 20.44 21.19
N ALA B 293 -11.24 21.32 20.22
CA ALA B 293 -10.31 22.41 19.91
C ALA B 293 -10.13 23.44 21.03
N MET B 294 -11.23 24.05 21.48
CA MET B 294 -11.11 25.11 22.49
C MET B 294 -10.44 24.67 23.80
N PRO B 295 -10.75 23.47 24.33
CA PRO B 295 -10.04 23.06 25.56
C PRO B 295 -8.54 22.82 25.37
N ILE B 296 -8.15 22.36 24.19
CA ILE B 296 -6.71 22.27 23.86
C ILE B 296 -6.03 23.65 23.95
N TYR B 297 -6.61 24.67 23.32
CA TYR B 297 -5.99 26.00 23.34
C TYR B 297 -6.19 26.75 24.66
N LYS B 298 -7.22 26.40 25.42
CA LYS B 298 -7.40 26.87 26.79
C LYS B 298 -6.25 26.35 27.67
N LEU B 299 -5.94 25.06 27.55
CA LEU B 299 -4.83 24.48 28.29
C LEU B 299 -3.50 25.11 27.87
N LEU B 300 -3.31 25.33 26.57
CA LEU B 300 -2.12 26.01 26.06
C LEU B 300 -1.98 27.43 26.63
N GLN B 301 -3.10 28.15 26.70
CA GLN B 301 -3.16 29.48 27.31
C GLN B 301 -2.78 29.47 28.81
N ASP B 302 -3.30 28.50 29.56
CA ASP B 302 -3.03 28.36 31.00
C ASP B 302 -1.54 28.14 31.29
N LEU B 303 -0.84 27.43 30.40
CA LEU B 303 0.60 27.19 30.50
C LEU B 303 1.46 28.33 29.94
N PHE B 304 1.07 28.87 28.78
CA PHE B 304 1.77 30.00 28.13
C PHE B 304 0.82 31.18 27.91
N PRO B 305 0.95 32.25 28.72
CA PRO B 305 0.09 33.44 28.52
C PRO B 305 0.11 34.08 27.11
N LYS B 306 1.23 33.97 26.40
CA LYS B 306 1.36 34.48 25.02
C LYS B 306 0.55 33.71 23.98
N ALA B 307 0.03 32.53 24.35
CA ALA B 307 -0.90 31.77 23.52
C ALA B 307 -2.36 32.17 23.73
N ALA B 308 -2.62 33.24 24.47
CA ALA B 308 -3.99 33.73 24.65
C ALA B 308 -4.67 34.14 23.35
N GLU B 309 -3.92 34.76 22.43
CA GLU B 309 -4.43 35.11 21.11
C GLU B 309 -4.86 33.89 20.27
N LEU B 310 -4.26 32.73 20.53
CA LEU B 310 -4.61 31.50 19.84
C LEU B 310 -5.97 30.99 20.29
N TYR B 311 -6.16 30.90 21.60
CA TYR B 311 -7.46 30.53 22.16
C TYR B 311 -8.58 31.50 21.74
N GLU B 312 -8.31 32.80 21.75
CA GLU B 312 -9.30 33.80 21.36
C GLU B 312 -9.70 33.73 19.88
N ARG B 313 -8.77 33.29 19.02
CA ARG B 313 -9.09 33.14 17.60
C ARG B 313 -9.96 31.91 17.36
N VAL B 314 -9.68 30.82 18.10
CA VAL B 314 -10.48 29.60 18.00
C VAL B 314 -11.90 29.89 18.49
N ALA B 315 -12.02 30.59 19.61
CA ALA B 315 -13.32 30.99 20.17
C ALA B 315 -14.08 31.91 19.22
N SER B 316 -13.37 32.83 18.59
CA SER B 316 -13.94 33.73 17.59
C SER B 316 -14.42 32.94 16.36
N ASN B 317 -13.61 31.97 15.92
CA ASN B 317 -14.01 31.09 14.82
C ASN B 317 -15.23 30.23 15.16
N ARG B 318 -15.34 29.79 16.41
CA ARG B 318 -16.55 29.10 16.86
C ARG B 318 -17.80 29.99 16.87
N GLU B 319 -17.65 31.24 17.32
CA GLU B 319 -18.75 32.22 17.25
C GLU B 319 -19.21 32.42 15.81
N HIS B 320 -18.26 32.43 14.87
CA HIS B 320 -18.57 32.60 13.45
C HIS B 320 -19.37 31.43 12.89
N TRP B 321 -19.04 30.20 13.32
CA TRP B 321 -19.83 29.01 12.95
C TRP B 321 -21.26 29.10 13.44
N THR B 322 -21.47 29.63 14.64
CA THR B 322 -22.82 29.89 15.15
C THR B 322 -23.56 30.93 14.30
N LYS B 323 -22.90 32.01 13.91
CA LYS B 323 -23.52 33.07 13.13
C LYS B 323 -24.01 32.60 11.77
N VAL B 324 -23.24 31.75 11.10
CA VAL B 324 -23.60 31.25 9.76
C VAL B 324 -24.44 29.96 9.76
N SER B 325 -24.74 29.40 10.94
CA SER B 325 -25.60 28.19 11.05
C SER B 325 -26.90 28.29 10.27
N HIS B 326 -27.58 29.43 10.41
CA HIS B 326 -28.87 29.67 9.73
C HIS B 326 -28.84 29.45 8.20
N LYS B 327 -27.66 29.61 7.59
CA LYS B 327 -27.52 29.44 6.15
C LYS B 327 -27.66 28.00 5.64
N PHE B 328 -27.61 27.01 6.54
CA PHE B 328 -27.85 25.61 6.16
C PHE B 328 -29.35 25.25 6.10
N THR B 329 -30.23 26.20 6.39
CA THR B 329 -31.66 25.99 6.23
C THR B 329 -32.09 26.91 5.14
N ILE B 330 -32.48 26.33 4.01
CA ILE B 330 -32.86 27.10 2.82
C ILE B 330 -34.11 27.95 3.09
N ARG B 331 -33.93 29.26 3.03
CA ARG B 331 -35.02 30.20 3.13
C ARG B 331 -35.34 30.64 1.71
N GLY B 332 -36.62 30.89 1.44
CA GLY B 332 -37.07 31.20 0.09
C GLY B 332 -36.82 30.03 -0.84
N LEU B 333 -36.57 30.34 -2.11
CA LEU B 333 -36.18 29.36 -3.10
C LEU B 333 -34.68 29.26 -3.12
N PRO B 334 -34.13 28.10 -3.54
CA PRO B 334 -32.67 28.02 -3.72
C PRO B 334 -32.18 29.01 -4.79
N SER B 335 -30.87 29.29 -4.81
CA SER B 335 -30.27 30.22 -5.79
C SER B 335 -30.58 29.84 -7.24
N ASN B 336 -30.62 28.53 -7.49
CA ASN B 336 -31.23 27.90 -8.68
C ASN B 336 -32.55 28.54 -9.16
N ASN B 337 -33.37 28.95 -8.19
CA ASN B 337 -34.68 29.59 -8.43
C ASN B 337 -35.70 28.54 -8.90
N SER B 338 -35.55 27.33 -8.37
CA SER B 338 -36.23 26.13 -8.84
C SER B 338 -36.48 25.17 -7.68
N LEU B 339 -37.59 24.42 -7.75
CA LEU B 339 -37.89 23.37 -6.77
C LEU B 339 -37.60 21.93 -7.29
N ASP B 340 -36.86 21.80 -8.39
CA ASP B 340 -36.61 20.48 -9.03
C ASP B 340 -35.90 19.49 -8.10
N PHE B 341 -35.10 20.01 -7.18
CA PHE B 341 -34.38 19.17 -6.21
C PHE B 341 -35.22 18.33 -5.23
N LEU B 342 -36.54 18.49 -5.20
CA LEU B 342 -37.41 17.66 -4.36
C LEU B 342 -37.72 16.28 -5.02
N ILE C 16 11.72 20.91 -37.40
CA ILE C 16 10.65 20.59 -36.41
C ILE C 16 10.08 21.88 -35.78
N GLN C 17 8.85 22.23 -36.16
CA GLN C 17 8.11 23.33 -35.53
C GLN C 17 8.06 23.26 -34.00
N PRO C 18 8.23 24.40 -33.33
CA PRO C 18 7.77 24.45 -31.93
C PRO C 18 6.24 24.31 -31.87
N VAL C 19 5.77 23.63 -30.85
CA VAL C 19 4.35 23.35 -30.68
C VAL C 19 3.44 24.57 -30.56
N ALA C 20 3.95 25.67 -30.01
CA ALA C 20 3.18 26.93 -29.92
C ALA C 20 2.83 27.50 -31.29
N ALA C 21 3.72 27.34 -32.28
CA ALA C 21 3.51 27.84 -33.65
C ALA C 21 2.46 27.07 -34.48
N ILE C 22 2.09 25.87 -34.05
CA ILE C 22 1.03 25.07 -34.71
C ILE C 22 -0.33 25.69 -34.41
N ASP C 23 -0.54 26.01 -33.13
CA ASP C 23 -1.73 26.70 -32.63
C ASP C 23 -1.46 27.14 -31.19
N SER C 24 -1.91 28.34 -30.81
CA SER C 24 -1.73 28.85 -29.45
C SER C 24 -2.44 27.99 -28.39
N ASN C 25 -3.51 27.29 -28.81
CA ASN C 25 -4.26 26.40 -27.93
C ASN C 25 -3.89 24.92 -28.04
N PHE C 26 -2.76 24.60 -28.68
CA PHE C 26 -2.45 23.21 -29.07
C PHE C 26 -2.34 22.24 -27.89
N ALA C 27 -1.89 22.74 -26.73
CA ALA C 27 -1.76 21.93 -25.50
C ALA C 27 -2.98 21.99 -24.57
N SER C 28 -4.09 22.55 -25.03
CA SER C 28 -5.32 22.64 -24.24
C SER C 28 -6.26 21.47 -24.51
N PHE C 29 -6.98 21.06 -23.48
CA PHE C 29 -8.07 20.07 -23.62
C PHE C 29 -9.22 20.52 -24.55
N THR C 30 -9.38 21.82 -24.78
CA THR C 30 -10.40 22.33 -25.69
C THR C 30 -10.01 22.23 -27.18
N TYR C 31 -8.74 21.98 -27.49
CA TYR C 31 -8.30 21.90 -28.88
C TYR C 31 -8.78 20.62 -29.54
N THR C 32 -9.26 20.75 -30.77
CA THR C 32 -9.75 19.64 -31.56
C THR C 32 -8.69 19.32 -32.61
N PRO C 33 -7.93 18.20 -32.42
CA PRO C 33 -6.85 17.88 -33.38
C PRO C 33 -7.30 17.54 -34.81
N ARG C 34 -8.56 17.20 -35.00
CA ARG C 34 -9.11 17.01 -36.37
C ARG C 34 -9.22 18.33 -37.17
N SER C 35 -9.17 19.48 -36.49
CA SER C 35 -9.02 20.79 -37.14
C SER C 35 -7.72 20.97 -37.94
N LEU C 36 -6.67 20.23 -37.57
CA LEU C 36 -5.38 20.36 -38.24
C LEU C 36 -5.44 19.63 -39.58
N PRO C 37 -5.06 20.31 -40.68
CA PRO C 37 -5.01 19.61 -41.97
C PRO C 37 -4.16 18.33 -41.93
N GLU C 38 -4.60 17.30 -42.63
CA GLU C 38 -3.95 16.01 -42.63
C GLU C 38 -2.47 16.08 -43.06
N ASP C 39 -2.16 16.96 -44.00
CA ASP C 39 -0.77 17.22 -44.45
C ASP C 39 0.18 17.83 -43.41
N ASP C 40 -0.37 18.40 -42.33
CA ASP C 40 0.45 18.92 -41.22
C ASP C 40 0.56 17.98 -40.01
N THR C 41 -0.13 16.84 -40.05
CA THR C 41 -0.20 15.95 -38.87
C THR C 41 1.12 15.24 -38.56
N SER C 42 1.88 14.90 -39.59
CA SER C 42 3.19 14.24 -39.42
C SER C 42 4.19 15.16 -38.71
N MET C 43 4.23 16.42 -39.14
CA MET C 43 5.04 17.42 -38.46
C MET C 43 4.59 17.63 -37.01
N ALA C 44 3.29 17.64 -36.76
CA ALA C 44 2.75 17.82 -35.40
C ALA C 44 3.13 16.66 -34.47
N ILE C 45 3.18 15.44 -35.02
CA ILE C 45 3.70 14.30 -34.25
C ILE C 45 5.13 14.58 -33.79
N LEU C 46 5.99 15.00 -34.71
CA LEU C 46 7.36 15.33 -34.40
C LEU C 46 7.43 16.45 -33.37
N SER C 47 6.62 17.50 -33.53
CA SER C 47 6.59 18.59 -32.56
C SER C 47 6.17 18.15 -31.18
N MET C 48 5.22 17.24 -31.07
CA MET C 48 4.79 16.70 -29.77
C MET C 48 5.89 15.88 -29.08
N LEU C 49 6.56 15.02 -29.83
CA LEU C 49 7.70 14.27 -29.30
C LEU C 49 8.85 15.19 -28.87
N GLN C 50 9.10 16.24 -29.64
CA GLN C 50 10.10 17.27 -29.30
C GLN C 50 9.74 17.97 -27.98
N ASP C 51 8.48 18.37 -27.84
CA ASP C 51 8.02 19.11 -26.66
C ASP C 51 7.96 18.26 -25.39
N MET C 52 7.72 16.96 -25.53
CA MET C 52 7.79 16.01 -24.40
C MET C 52 9.24 15.57 -24.13
N ASN C 53 10.16 15.99 -24.99
CA ASN C 53 11.60 15.78 -24.86
C ASN C 53 12.09 14.35 -25.10
N PHE C 54 11.27 13.52 -25.74
CA PHE C 54 11.67 12.13 -25.99
C PHE C 54 12.73 11.95 -27.04
N ILE C 55 12.85 12.91 -27.97
CA ILE C 55 13.86 12.82 -29.02
C ILE C 55 15.27 12.95 -28.43
N ASN C 56 15.47 13.93 -27.55
CA ASN C 56 16.73 14.12 -26.84
C ASN C 56 16.95 13.08 -25.72
N ASN C 57 15.90 12.79 -24.95
CA ASN C 57 15.95 11.79 -23.89
C ASN C 57 16.47 10.45 -24.40
N TYR C 58 15.91 9.95 -25.50
CA TYR C 58 16.27 8.62 -26.03
C TYR C 58 17.20 8.65 -27.23
N LYS C 59 17.67 9.84 -27.60
CA LYS C 59 18.62 10.01 -28.70
C LYS C 59 18.11 9.37 -29.99
N ILE C 60 16.88 9.74 -30.35
CA ILE C 60 16.24 9.19 -31.53
C ILE C 60 16.84 9.89 -32.74
N ASP C 61 17.22 9.13 -33.76
CA ASP C 61 17.68 9.69 -35.02
C ASP C 61 16.49 10.34 -35.70
N CYS C 62 16.58 11.63 -36.03
CA CYS C 62 15.43 12.36 -36.60
C CYS C 62 14.95 11.84 -37.97
N PRO C 63 15.88 11.54 -38.91
CA PRO C 63 15.44 10.92 -40.17
C PRO C 63 14.71 9.59 -39.97
N THR C 64 15.24 8.73 -39.09
CA THR C 64 14.58 7.47 -38.75
C THR C 64 13.16 7.76 -38.21
N LEU C 65 13.05 8.73 -37.31
CA LEU C 65 11.75 9.11 -36.73
C LEU C 65 10.80 9.67 -37.76
N ALA C 66 11.29 10.53 -38.64
CA ALA C 66 10.45 11.05 -39.74
C ALA C 66 9.93 9.91 -40.63
N ARG C 67 10.81 9.01 -41.06
CA ARG C 67 10.40 7.85 -41.85
C ARG C 67 9.45 6.93 -41.07
N PHE C 68 9.70 6.71 -39.79
CA PHE C 68 8.78 5.91 -38.98
C PHE C 68 7.37 6.50 -39.01
N CYS C 69 7.27 7.81 -38.78
CA CYS C 69 5.97 8.51 -38.71
C CYS C 69 5.19 8.47 -40.00
N LEU C 70 5.90 8.59 -41.13
CA LEU C 70 5.27 8.50 -42.44
C LEU C 70 4.81 7.07 -42.76
N MET C 71 5.59 6.08 -42.35
CA MET C 71 5.18 4.68 -42.50
C MET C 71 3.96 4.33 -41.66
N VAL C 72 3.87 4.85 -40.44
CA VAL C 72 2.72 4.61 -39.58
C VAL C 72 1.48 5.21 -40.23
N LYS C 73 1.57 6.48 -40.63
CA LYS C 73 0.51 7.17 -41.37
C LYS C 73 0.06 6.37 -42.60
N LYS C 74 1.02 5.95 -43.41
CA LYS C 74 0.79 5.14 -44.61
C LYS C 74 0.12 3.80 -44.28
N GLY C 75 0.37 3.25 -43.09
CA GLY C 75 -0.23 1.99 -42.67
C GLY C 75 -1.69 2.00 -42.23
N TYR C 76 -2.29 3.20 -42.17
CA TYR C 76 -3.73 3.32 -41.99
C TYR C 76 -4.42 3.32 -43.36
N ARG C 77 -5.55 2.63 -43.44
CA ARG C 77 -6.42 2.65 -44.60
C ARG C 77 -7.39 3.82 -44.40
N ASP C 78 -8.39 3.95 -45.28
CA ASP C 78 -9.31 5.10 -45.27
C ASP C 78 -10.77 4.69 -45.04
N PRO C 79 -11.06 3.85 -44.03
CA PRO C 79 -12.47 3.71 -43.69
C PRO C 79 -12.94 5.01 -43.00
N PRO C 80 -14.27 5.15 -42.75
CA PRO C 80 -14.78 6.43 -42.23
C PRO C 80 -14.21 6.91 -40.90
N TYR C 81 -13.99 6.00 -39.96
CA TYR C 81 -13.47 6.35 -38.63
C TYR C 81 -12.04 5.90 -38.37
N HIS C 82 -11.75 4.63 -38.62
CA HIS C 82 -10.46 4.05 -38.22
C HIS C 82 -9.36 4.29 -39.26
N ASN C 83 -9.03 5.58 -39.40
CA ASN C 83 -8.07 6.07 -40.38
C ASN C 83 -6.95 6.83 -39.64
N TRP C 84 -6.00 7.37 -40.39
CA TRP C 84 -4.90 8.09 -39.76
C TRP C 84 -5.37 9.20 -38.82
N MET C 85 -6.36 10.00 -39.22
CA MET C 85 -6.81 11.13 -38.39
C MET C 85 -7.31 10.68 -37.02
N HIS C 86 -7.85 9.47 -36.93
CA HIS C 86 -8.19 8.89 -35.63
C HIS C 86 -6.92 8.66 -34.80
N ALA C 87 -5.96 7.96 -35.38
CA ALA C 87 -4.67 7.71 -34.73
C ALA C 87 -3.96 9.01 -34.30
N PHE C 88 -3.95 10.02 -35.18
CA PHE C 88 -3.38 11.32 -34.83
C PHE C 88 -4.10 11.98 -33.64
N SER C 89 -5.42 11.96 -33.69
CA SER C 89 -6.25 12.49 -32.61
C SER C 89 -6.02 11.82 -31.26
N VAL C 90 -5.88 10.50 -31.29
CA VAL C 90 -5.61 9.71 -30.10
C VAL C 90 -4.23 10.07 -29.54
N SER C 91 -3.24 10.19 -30.43
CA SER C 91 -1.87 10.53 -30.08
C SER C 91 -1.83 11.91 -29.48
N HIS C 92 -2.58 12.82 -30.07
CA HIS C 92 -2.66 14.18 -29.57
C HIS C 92 -3.21 14.22 -28.15
N PHE C 93 -4.21 13.39 -27.86
CA PHE C 93 -4.75 13.34 -26.50
C PHE C 93 -3.73 12.82 -25.47
N CYS C 94 -2.92 11.85 -25.86
CA CYS C 94 -1.83 11.38 -25.00
C CYS C 94 -0.87 12.53 -24.63
N TYR C 95 -0.49 13.32 -25.63
CA TYR C 95 0.27 14.53 -25.42
C TYR C 95 -0.42 15.47 -24.42
N LEU C 96 -1.73 15.69 -24.59
CA LEU C 96 -2.49 16.55 -23.67
C LEU C 96 -2.45 16.03 -22.24
N LEU C 97 -2.58 14.72 -22.07
CA LEU C 97 -2.49 14.12 -20.74
C LEU C 97 -1.12 14.37 -20.14
N TYR C 98 -0.06 14.20 -20.94
CA TYR C 98 1.31 14.54 -20.51
C TYR C 98 1.39 15.99 -20.02
N LYS C 99 0.88 16.91 -20.83
CA LYS C 99 1.01 18.34 -20.58
C LYS C 99 0.15 18.85 -19.43
N ASN C 100 -1.02 18.26 -19.23
CA ASN C 100 -2.01 18.76 -18.26
C ASN C 100 -2.11 17.96 -16.96
N LEU C 101 -1.91 16.64 -17.02
CA LEU C 101 -2.00 15.80 -15.81
C LEU C 101 -0.67 15.49 -15.16
N GLU C 102 0.44 15.98 -15.74
CA GLU C 102 1.78 15.77 -15.18
C GLU C 102 2.05 14.28 -14.98
N LEU C 103 2.08 13.55 -16.09
CA LEU C 103 2.21 12.10 -16.06
C LEU C 103 3.55 11.62 -15.52
N THR C 104 4.59 12.45 -15.64
CA THR C 104 5.92 12.12 -15.09
C THR C 104 5.94 11.94 -13.56
N ASN C 105 4.93 12.43 -12.85
CA ASN C 105 4.75 12.12 -11.41
C ASN C 105 4.16 10.72 -11.11
N TYR C 106 3.70 10.01 -12.14
CA TYR C 106 3.03 8.70 -11.97
C TYR C 106 3.69 7.54 -12.71
N LEU C 107 4.29 7.80 -13.86
CA LEU C 107 4.86 6.78 -14.74
C LEU C 107 6.28 7.11 -15.10
N GLU C 108 7.02 6.09 -15.52
CA GLU C 108 8.40 6.23 -16.02
C GLU C 108 8.37 6.88 -17.41
N ASP C 109 9.44 7.55 -17.79
CA ASP C 109 9.55 8.15 -19.12
C ASP C 109 9.38 7.13 -20.25
N ILE C 110 9.95 5.94 -20.09
CA ILE C 110 9.84 4.91 -21.12
C ILE C 110 8.39 4.41 -21.27
N GLU C 111 7.64 4.39 -20.17
CA GLU C 111 6.23 4.02 -20.19
C GLU C 111 5.38 5.06 -20.92
N ILE C 112 5.64 6.34 -20.65
CA ILE C 112 4.96 7.42 -21.31
C ILE C 112 5.32 7.45 -22.79
N PHE C 113 6.59 7.21 -23.12
CA PHE C 113 7.02 7.18 -24.53
C PHE C 113 6.32 6.02 -25.27
N ALA C 114 6.30 4.85 -24.65
CA ALA C 114 5.58 3.70 -25.16
C ALA C 114 4.08 3.97 -25.39
N LEU C 115 3.45 4.70 -24.50
CA LEU C 115 2.02 5.03 -24.63
C LEU C 115 1.77 5.87 -25.87
N PHE C 116 2.60 6.87 -26.08
CA PHE C 116 2.46 7.74 -27.24
C PHE C 116 2.69 7.03 -28.58
N ILE C 117 3.73 6.21 -28.65
CA ILE C 117 3.99 5.43 -29.86
C ILE C 117 2.85 4.43 -30.08
N SER C 118 2.36 3.84 -29.00
CA SER C 118 1.23 2.93 -29.08
C SER C 118 -0.01 3.63 -29.63
N CYS C 119 -0.30 4.84 -29.14
CA CYS C 119 -1.40 5.66 -29.67
C CYS C 119 -1.32 5.85 -31.20
N MET C 120 -0.13 6.11 -31.73
CA MET C 120 0.05 6.25 -33.17
C MET C 120 -0.25 4.95 -33.92
N CYS C 121 0.10 3.82 -33.31
CA CYS C 121 0.07 2.52 -33.96
C CYS C 121 -1.17 1.65 -33.65
N HIS C 122 -1.99 2.05 -32.68
CA HIS C 122 -2.92 1.11 -32.06
C HIS C 122 -4.06 0.57 -32.93
N ASP C 123 -4.36 1.21 -34.07
CA ASP C 123 -5.37 0.72 -35.04
C ASP C 123 -4.77 0.47 -36.43
N LEU C 124 -3.47 0.20 -36.53
CA LEU C 124 -2.81 0.04 -37.83
C LEU C 124 -3.49 -1.02 -38.71
N ASP C 125 -3.73 -0.64 -39.97
CA ASP C 125 -4.34 -1.51 -40.98
C ASP C 125 -5.77 -1.94 -40.63
N HIS C 126 -6.51 -1.09 -39.90
CA HIS C 126 -7.91 -1.33 -39.58
C HIS C 126 -8.71 -1.30 -40.89
N ARG C 127 -9.70 -2.19 -41.04
CA ARG C 127 -10.49 -2.28 -42.27
C ARG C 127 -11.92 -1.77 -42.15
N GLY C 128 -12.21 -0.99 -41.12
CA GLY C 128 -13.59 -0.68 -40.70
C GLY C 128 -14.47 -1.83 -40.24
N THR C 129 -13.86 -2.94 -39.83
CA THR C 129 -14.57 -4.13 -39.33
C THR C 129 -14.01 -4.61 -37.98
N ASN C 130 -14.87 -5.23 -37.19
CA ASN C 130 -14.53 -5.63 -35.79
C ASN C 130 -13.95 -7.06 -35.66
N ASN C 131 -13.70 -7.48 -34.42
CA ASN C 131 -13.04 -8.77 -34.11
C ASN C 131 -13.88 -9.97 -34.58
N SER C 132 -15.21 -9.87 -34.39
CA SER C 132 -16.17 -10.78 -35.01
C SER C 132 -16.38 -10.43 -36.50
N GLY C 149 -8.20 -14.41 -28.01
CA GLY C 149 -8.85 -13.21 -28.52
C GLY C 149 -8.05 -12.01 -29.05
N SER C 150 -8.75 -10.89 -29.07
CA SER C 150 -8.24 -9.61 -29.54
C SER C 150 -7.54 -9.70 -30.90
N VAL C 151 -8.25 -10.24 -31.88
CA VAL C 151 -7.69 -10.49 -33.20
C VAL C 151 -7.12 -9.22 -33.84
N MET C 152 -7.93 -8.16 -33.92
CA MET C 152 -7.49 -6.91 -34.58
C MET C 152 -6.34 -6.26 -33.81
N GLU C 153 -6.39 -6.29 -32.48
CA GLU C 153 -5.39 -5.62 -31.67
C GLU C 153 -4.02 -6.30 -31.80
N ARG C 154 -4.02 -7.62 -31.89
CA ARG C 154 -2.80 -8.37 -32.22
C ARG C 154 -2.25 -8.06 -33.60
N HIS C 155 -3.14 -7.90 -34.58
CA HIS C 155 -2.75 -7.47 -35.91
C HIS C 155 -2.15 -6.08 -35.88
N HIS C 156 -2.77 -5.16 -35.14
CA HIS C 156 -2.26 -3.79 -35.04
C HIS C 156 -0.82 -3.76 -34.52
N PHE C 157 -0.60 -4.50 -33.45
CA PHE C 157 0.74 -4.69 -32.89
C PHE C 157 1.73 -5.33 -33.88
N ALA C 158 1.33 -6.40 -34.55
CA ALA C 158 2.16 -7.04 -35.57
C ALA C 158 2.54 -6.09 -36.70
N GLN C 159 1.62 -5.21 -37.06
CA GLN C 159 1.90 -4.19 -38.08
C GLN C 159 2.92 -3.18 -37.60
N ALA C 160 2.80 -2.77 -36.33
CA ALA C 160 3.78 -1.88 -35.72
C ALA C 160 5.18 -2.51 -35.72
N ILE C 161 5.26 -3.78 -35.34
CA ILE C 161 6.50 -4.55 -35.39
C ILE C 161 7.07 -4.62 -36.81
N ALA C 162 6.22 -4.86 -37.82
CA ALA C 162 6.68 -4.93 -39.21
C ALA C 162 7.23 -3.57 -39.70
N ILE C 163 6.64 -2.47 -39.25
CA ILE C 163 7.16 -1.13 -39.56
C ILE C 163 8.55 -0.92 -38.93
N LEU C 164 8.69 -1.26 -37.65
CA LEU C 164 9.97 -1.13 -36.96
C LEU C 164 11.08 -1.94 -37.64
N ASN C 165 10.76 -3.10 -38.18
CA ASN C 165 11.75 -3.96 -38.87
C ASN C 165 11.86 -3.69 -40.37
N THR C 166 11.23 -2.61 -40.84
CA THR C 166 11.50 -2.07 -42.16
C THR C 166 12.78 -1.23 -42.10
N HIS C 167 13.60 -1.31 -43.15
CA HIS C 167 14.86 -0.58 -43.26
C HIS C 167 14.66 0.93 -43.09
N GLY C 168 15.39 1.51 -42.15
CA GLY C 168 15.36 2.95 -41.91
C GLY C 168 14.23 3.43 -41.02
N CYS C 169 13.43 2.52 -40.46
CA CYS C 169 12.27 2.92 -39.65
C CYS C 169 12.36 2.50 -38.17
N ASN C 170 13.46 1.87 -37.76
CA ASN C 170 13.55 1.38 -36.40
C ASN C 170 14.02 2.46 -35.46
N ILE C 171 13.08 3.20 -34.91
CA ILE C 171 13.39 4.26 -33.96
C ILE C 171 14.03 3.77 -32.65
N PHE C 172 13.96 2.47 -32.35
CA PHE C 172 14.60 1.88 -31.17
C PHE C 172 15.86 1.07 -31.47
N ASP C 173 16.44 1.14 -32.67
CA ASP C 173 17.58 0.27 -33.02
C ASP C 173 18.87 0.55 -32.27
N HIS C 174 18.91 1.65 -31.53
CA HIS C 174 20.03 2.03 -30.67
C HIS C 174 19.71 1.83 -29.17
N PHE C 175 18.49 1.37 -28.85
CA PHE C 175 18.12 1.04 -27.47
C PHE C 175 18.93 -0.15 -26.93
N SER C 176 19.16 -0.17 -25.63
CA SER C 176 19.73 -1.36 -24.99
C SER C 176 18.80 -2.55 -25.20
N ARG C 177 19.34 -3.75 -25.05
CA ARG C 177 18.57 -4.98 -25.15
C ARG C 177 17.44 -4.99 -24.10
N LYS C 178 17.75 -4.55 -22.88
CA LYS C 178 16.74 -4.36 -21.81
C LYS C 178 15.62 -3.40 -22.27
N ASP C 179 16.00 -2.21 -22.74
CA ASP C 179 15.02 -1.16 -23.08
C ASP C 179 14.21 -1.47 -24.35
N TYR C 180 14.84 -2.11 -25.34
CA TYR C 180 14.17 -2.53 -26.56
C TYR C 180 13.05 -3.50 -26.23
N GLN C 181 13.37 -4.50 -25.40
CA GLN C 181 12.43 -5.49 -24.93
C GLN C 181 11.27 -4.89 -24.13
N ARG C 182 11.60 -4.03 -23.16
CA ARG C 182 10.60 -3.32 -22.37
C ARG C 182 9.63 -2.53 -23.28
N MET C 183 10.20 -1.82 -24.26
CA MET C 183 9.42 -1.01 -25.21
C MET C 183 8.42 -1.86 -25.99
N LEU C 184 8.90 -2.99 -26.52
CA LEU C 184 8.03 -3.95 -27.20
C LEU C 184 6.95 -4.54 -26.31
N ASP C 185 7.29 -4.90 -25.06
CA ASP C 185 6.29 -5.42 -24.13
C ASP C 185 5.25 -4.38 -23.78
N LEU C 186 5.67 -3.13 -23.67
CA LEU C 186 4.75 -2.04 -23.36
C LEU C 186 3.79 -1.81 -24.52
N MET C 187 4.34 -1.70 -25.73
CA MET C 187 3.49 -1.50 -26.91
C MET C 187 2.45 -2.59 -27.08
N ARG C 188 2.88 -3.84 -26.91
CA ARG C 188 1.96 -4.96 -26.97
C ARG C 188 0.86 -4.82 -25.91
N ASP C 189 1.24 -4.62 -24.64
CA ASP C 189 0.26 -4.53 -23.54
C ASP C 189 -0.73 -3.38 -23.72
N ILE C 190 -0.20 -2.26 -24.17
CA ILE C 190 -0.99 -1.05 -24.36
C ILE C 190 -1.95 -1.17 -25.54
N ILE C 191 -1.46 -1.67 -26.67
CA ILE C 191 -2.33 -1.90 -27.82
C ILE C 191 -3.40 -2.95 -27.51
N LEU C 192 -3.04 -4.05 -26.84
CA LEU C 192 -4.05 -5.04 -26.45
C LEU C 192 -5.11 -4.46 -25.52
N ALA C 193 -4.75 -3.46 -24.74
CA ALA C 193 -5.70 -2.79 -23.85
C ALA C 193 -6.77 -1.97 -24.57
N THR C 194 -6.63 -1.73 -25.87
CA THR C 194 -7.68 -1.06 -26.68
C THR C 194 -8.86 -1.98 -27.07
N ASP C 195 -8.77 -3.28 -26.82
CA ASP C 195 -9.91 -4.20 -26.97
C ASP C 195 -10.86 -3.97 -25.79
N LEU C 196 -12.12 -3.66 -26.06
CA LEU C 196 -13.11 -3.49 -25.00
C LEU C 196 -13.20 -4.68 -24.04
N ALA C 197 -13.05 -5.88 -24.58
CA ALA C 197 -13.02 -7.11 -23.77
C ALA C 197 -11.93 -7.09 -22.70
N HIS C 198 -10.75 -6.57 -23.05
CA HIS C 198 -9.66 -6.39 -22.09
C HIS C 198 -10.08 -5.42 -20.96
N HIS C 199 -10.59 -4.25 -21.36
CA HIS C 199 -11.01 -3.20 -20.42
C HIS C 199 -12.04 -3.72 -19.43
N LEU C 200 -13.00 -4.49 -19.91
CA LEU C 200 -14.01 -5.06 -19.02
C LEU C 200 -13.44 -6.11 -18.06
N ARG C 201 -12.43 -6.88 -18.48
CA ARG C 201 -11.75 -7.82 -17.57
C ARG C 201 -11.06 -7.09 -16.40
N ILE C 202 -10.36 -6.00 -16.72
CA ILE C 202 -9.56 -5.24 -15.74
C ILE C 202 -10.33 -4.16 -14.98
N PHE C 203 -11.59 -3.92 -15.32
CA PHE C 203 -12.37 -2.82 -14.74
C PHE C 203 -12.45 -2.86 -13.22
N LYS C 204 -12.67 -4.05 -12.67
CA LYS C 204 -12.66 -4.25 -11.22
C LYS C 204 -11.33 -3.82 -10.59
N ASP C 205 -10.23 -4.15 -11.25
CA ASP C 205 -8.90 -3.78 -10.77
C ASP C 205 -8.67 -2.26 -10.84
N LEU C 206 -9.17 -1.63 -11.90
CA LEU C 206 -9.06 -0.17 -12.03
C LEU C 206 -9.79 0.57 -10.91
N GLN C 207 -10.98 0.09 -10.55
CA GLN C 207 -11.77 0.68 -9.47
C GLN C 207 -11.09 0.54 -8.11
N LYS C 208 -10.56 -0.65 -7.84
CA LYS C 208 -9.75 -0.91 -6.63
C LYS C 208 -8.63 0.13 -6.52
N MET C 209 -7.85 0.28 -7.60
CA MET C 209 -6.75 1.24 -7.68
C MET C 209 -7.19 2.68 -7.44
N ALA C 210 -8.33 3.08 -8.01
CA ALA C 210 -8.85 4.45 -7.86
C ALA C 210 -9.22 4.78 -6.42
N GLU C 211 -9.82 3.82 -5.71
CA GLU C 211 -10.31 4.05 -4.35
C GLU C 211 -9.19 4.00 -3.30
N VAL C 212 -8.31 3.00 -3.36
CA VAL C 212 -7.14 2.96 -2.45
C VAL C 212 -6.11 4.07 -2.76
N GLY C 213 -6.03 4.49 -4.03
CA GLY C 213 -5.14 5.57 -4.46
C GLY C 213 -3.95 5.01 -5.20
N TYR C 214 -3.46 5.78 -6.17
CA TYR C 214 -2.31 5.35 -6.99
C TYR C 214 -1.04 5.30 -6.16
N ASP C 215 -0.22 4.30 -6.44
CA ASP C 215 0.99 3.99 -5.69
C ASP C 215 2.07 3.88 -6.74
N ARG C 216 2.94 4.90 -6.80
CA ARG C 216 4.00 4.95 -7.79
C ARG C 216 5.01 3.78 -7.69
N ASN C 217 5.13 3.17 -6.51
CA ASN C 217 6.01 2.01 -6.30
C ASN C 217 5.38 0.64 -6.64
N ASN C 218 4.09 0.61 -7.00
CA ASN C 218 3.38 -0.62 -7.34
C ASN C 218 3.42 -0.78 -8.86
N LYS C 219 4.13 -1.81 -9.34
CA LYS C 219 4.28 -2.03 -10.80
C LYS C 219 2.99 -2.49 -11.49
N GLN C 220 2.14 -3.18 -10.73
CA GLN C 220 0.77 -3.48 -11.13
C GLN C 220 -0.05 -2.23 -11.44
N HIS C 221 0.06 -1.23 -10.58
CA HIS C 221 -0.61 0.05 -10.78
C HIS C 221 -0.15 0.79 -12.04
N HIS C 222 1.14 0.70 -12.37
CA HIS C 222 1.66 1.26 -13.63
C HIS C 222 0.97 0.61 -14.83
N ARG C 223 0.89 -0.72 -14.82
CA ARG C 223 0.23 -1.50 -15.90
C ARG C 223 -1.22 -1.09 -16.07
N LEU C 224 -1.94 -1.05 -14.95
CA LEU C 224 -3.33 -0.66 -14.94
C LEU C 224 -3.54 0.78 -15.40
N LEU C 225 -2.68 1.70 -14.96
CA LEU C 225 -2.79 3.10 -15.36
C LEU C 225 -2.55 3.29 -16.86
N LEU C 226 -1.56 2.59 -17.41
CA LEU C 226 -1.30 2.63 -18.86
C LEU C 226 -2.52 2.14 -19.69
N CYS C 227 -3.20 1.10 -19.21
CA CYS C 227 -4.43 0.62 -19.87
C CYS C 227 -5.53 1.67 -19.82
N LEU C 228 -5.77 2.22 -18.63
CA LEU C 228 -6.76 3.28 -18.44
C LEU C 228 -6.48 4.49 -19.33
N LEU C 229 -5.23 4.96 -19.32
CA LEU C 229 -4.85 6.11 -20.15
C LEU C 229 -5.00 5.83 -21.65
N MET C 230 -4.62 4.62 -22.08
CA MET C 230 -4.81 4.25 -23.49
C MET C 230 -6.29 4.29 -23.91
N THR C 231 -7.17 3.71 -23.10
CA THR C 231 -8.60 3.74 -23.40
C THR C 231 -9.13 5.16 -23.36
N SER C 232 -8.60 5.97 -22.42
CA SER C 232 -8.96 7.40 -22.33
C SER C 232 -8.59 8.13 -23.64
N CYS C 233 -7.44 7.79 -24.21
CA CYS C 233 -7.01 8.39 -25.47
C CYS C 233 -7.86 7.93 -26.63
N ASP C 234 -8.20 6.64 -26.63
CA ASP C 234 -8.95 6.03 -27.71
C ASP C 234 -10.37 6.62 -27.82
N LEU C 235 -10.97 6.96 -26.68
CA LEU C 235 -12.31 7.54 -26.64
C LEU C 235 -12.31 9.06 -26.50
N SER C 236 -11.17 9.71 -26.71
CA SER C 236 -11.01 11.16 -26.45
C SER C 236 -11.93 12.10 -27.24
N ASP C 237 -12.46 11.65 -28.38
CA ASP C 237 -13.45 12.44 -29.14
C ASP C 237 -14.68 12.77 -28.30
N GLN C 238 -15.00 11.93 -27.33
CA GLN C 238 -16.12 12.19 -26.39
C GLN C 238 -15.89 13.37 -25.41
N THR C 239 -14.64 13.83 -25.30
CA THR C 239 -14.29 14.92 -24.38
C THR C 239 -14.28 16.31 -25.03
N LYS C 240 -14.53 16.38 -26.34
CA LYS C 240 -14.54 17.65 -27.06
C LYS C 240 -15.96 18.22 -27.04
N GLY C 241 -16.27 19.18 -27.90
CA GLY C 241 -17.63 19.72 -28.03
C GLY C 241 -18.60 18.81 -28.76
N TRP C 242 -19.88 19.17 -28.72
CA TRP C 242 -20.95 18.44 -29.42
C TRP C 242 -20.66 18.17 -30.89
N LYS C 243 -20.11 19.15 -31.58
CA LYS C 243 -19.78 19.03 -33.01
C LYS C 243 -18.87 17.85 -33.32
N THR C 244 -17.92 17.58 -32.43
CA THR C 244 -17.00 16.47 -32.60
C THR C 244 -17.68 15.12 -32.31
N THR C 245 -18.41 15.00 -31.20
CA THR C 245 -19.09 13.72 -30.87
C THR C 245 -20.11 13.29 -31.93
N ARG C 246 -20.88 14.26 -32.41
CA ARG C 246 -21.87 14.04 -33.46
C ARG C 246 -21.22 13.51 -34.74
N LYS C 247 -20.14 14.16 -35.17
CA LYS C 247 -19.42 13.75 -36.38
C LYS C 247 -18.77 12.37 -36.22
N ILE C 248 -18.13 12.15 -35.09
CA ILE C 248 -17.49 10.85 -34.81
C ILE C 248 -18.52 9.73 -34.71
N ALA C 249 -19.65 10.00 -34.07
CA ALA C 249 -20.76 9.05 -34.06
C ALA C 249 -21.18 8.68 -35.49
N GLU C 250 -21.38 9.68 -36.33
CA GLU C 250 -21.72 9.46 -37.73
C GLU C 250 -20.74 8.52 -38.43
N LEU C 251 -19.44 8.75 -38.21
CA LEU C 251 -18.41 7.94 -38.85
C LEU C 251 -18.42 6.50 -38.32
N ILE C 252 -18.61 6.35 -37.02
CA ILE C 252 -18.68 5.03 -36.38
C ILE C 252 -19.83 4.21 -36.96
N TYR C 253 -21.02 4.80 -37.00
CA TYR C 253 -22.21 4.09 -37.53
C TYR C 253 -22.08 3.78 -39.02
N LYS C 254 -21.48 4.69 -39.77
CA LYS C 254 -21.14 4.44 -41.17
C LYS C 254 -20.29 3.16 -41.33
N GLU C 255 -19.28 2.99 -40.48
CA GLU C 255 -18.48 1.75 -40.46
C GLU C 255 -19.29 0.53 -40.07
N PHE C 256 -20.05 0.66 -38.98
CA PHE C 256 -20.84 -0.45 -38.47
C PHE C 256 -21.82 -0.97 -39.51
N PHE C 257 -22.49 -0.05 -40.22
CA PHE C 257 -23.54 -0.42 -41.16
C PHE C 257 -22.96 -0.97 -42.45
N SER C 258 -21.76 -0.52 -42.85
CA SER C 258 -21.02 -1.14 -43.94
C SER C 258 -20.70 -2.59 -43.64
N GLN C 259 -20.23 -2.84 -42.42
CA GLN C 259 -19.94 -4.21 -41.97
C GLN C 259 -21.22 -5.04 -42.02
N GLY C 260 -22.30 -4.49 -41.48
CA GLY C 260 -23.60 -5.14 -41.48
C GLY C 260 -24.11 -5.46 -42.88
N ASP C 261 -23.93 -4.54 -43.82
CA ASP C 261 -24.27 -4.77 -45.23
C ASP C 261 -23.48 -5.94 -45.80
N LEU C 262 -22.17 -5.98 -45.53
CA LEU C 262 -21.36 -7.09 -45.96
C LEU C 262 -21.75 -8.41 -45.36
N GLU C 263 -22.13 -8.41 -44.08
CA GLU C 263 -22.57 -9.64 -43.41
C GLU C 263 -23.89 -10.18 -43.99
N LYS C 264 -24.81 -9.29 -44.37
CA LYS C 264 -26.06 -9.68 -45.05
C LYS C 264 -25.79 -10.29 -46.42
N ALA C 265 -24.89 -9.68 -47.18
CA ALA C 265 -24.47 -10.20 -48.50
C ALA C 265 -23.86 -11.62 -48.46
N MET C 266 -23.24 -11.98 -47.34
CA MET C 266 -22.64 -13.32 -47.16
C MET C 266 -23.64 -14.34 -46.59
N GLY C 267 -24.88 -13.92 -46.33
CA GLY C 267 -25.93 -14.79 -45.78
C GLY C 267 -26.04 -14.81 -44.26
N ASN C 268 -25.15 -14.11 -43.57
CA ASN C 268 -25.15 -14.07 -42.10
C ASN C 268 -26.09 -12.98 -41.59
N ARG C 269 -26.34 -13.03 -40.29
CA ARG C 269 -27.26 -12.14 -39.61
C ARG C 269 -26.43 -11.20 -38.71
N PRO C 270 -26.32 -9.91 -39.09
CA PRO C 270 -25.53 -8.98 -38.27
C PRO C 270 -26.16 -8.63 -36.91
N MET C 271 -25.33 -8.16 -35.97
CA MET C 271 -25.81 -7.67 -34.68
C MET C 271 -26.73 -6.49 -34.92
N GLU C 272 -27.64 -6.22 -33.98
CA GLU C 272 -28.57 -5.09 -34.08
C GLU C 272 -27.84 -3.78 -34.39
N MET C 273 -26.76 -3.50 -33.67
CA MET C 273 -26.00 -2.25 -33.85
C MET C 273 -25.25 -2.14 -35.19
N MET C 274 -25.07 -3.26 -35.90
CA MET C 274 -24.51 -3.25 -37.25
C MET C 274 -25.57 -3.19 -38.36
N ASP C 275 -26.84 -3.37 -38.01
CA ASP C 275 -27.93 -3.47 -39.00
C ASP C 275 -28.59 -2.09 -39.15
N ARG C 276 -28.40 -1.46 -40.32
CA ARG C 276 -28.97 -0.14 -40.56
C ARG C 276 -30.50 -0.09 -40.55
N GLU C 277 -31.17 -1.24 -40.69
CA GLU C 277 -32.64 -1.30 -40.61
C GLU C 277 -33.16 -1.51 -39.18
N LYS C 278 -32.30 -1.87 -38.22
CA LYS C 278 -32.72 -2.10 -36.83
C LYS C 278 -32.06 -1.21 -35.77
N ALA C 279 -30.84 -0.76 -36.04
CA ALA C 279 -30.11 0.10 -35.09
C ALA C 279 -30.87 1.41 -34.86
N TYR C 280 -31.11 1.73 -33.59
CA TYR C 280 -31.65 3.02 -33.19
C TYR C 280 -30.50 3.78 -32.50
N ILE C 281 -29.96 4.77 -33.19
CA ILE C 281 -28.73 5.44 -32.79
C ILE C 281 -28.75 6.06 -31.40
N PRO C 282 -29.82 6.79 -31.03
CA PRO C 282 -29.80 7.40 -29.68
C PRO C 282 -29.64 6.40 -28.54
N GLU C 283 -30.32 5.26 -28.62
CA GLU C 283 -30.21 4.19 -27.60
C GLU C 283 -28.78 3.62 -27.54
N LEU C 284 -28.23 3.33 -28.71
CA LEU C 284 -26.87 2.80 -28.81
C LEU C 284 -25.80 3.80 -28.33
N GLN C 285 -25.90 5.09 -28.70
CA GLN C 285 -24.95 6.11 -28.22
C GLN C 285 -25.01 6.31 -26.72
N ILE C 286 -26.23 6.46 -26.21
CA ILE C 286 -26.43 6.66 -24.78
C ILE C 286 -25.90 5.46 -23.99
N SER C 287 -26.11 4.25 -24.49
CA SER C 287 -25.51 3.06 -23.85
C SER C 287 -24.00 3.10 -23.86
N PHE C 288 -23.44 3.32 -25.04
CA PHE C 288 -22.01 3.48 -25.17
C PHE C 288 -21.48 4.51 -24.17
N MET C 289 -22.15 5.66 -24.07
CA MET C 289 -21.66 6.72 -23.18
C MET C 289 -21.86 6.47 -21.68
N GLU C 290 -23.02 5.95 -21.29
CA GLU C 290 -23.25 5.60 -19.88
C GLU C 290 -22.39 4.44 -19.38
N HIS C 291 -22.19 3.43 -20.22
CA HIS C 291 -21.61 2.14 -19.78
C HIS C 291 -20.13 1.95 -20.08
N ILE C 292 -19.61 2.71 -21.05
CA ILE C 292 -18.23 2.56 -21.49
C ILE C 292 -17.44 3.87 -21.28
N ALA C 293 -17.85 4.94 -21.96
CA ALA C 293 -17.10 6.21 -21.91
C ALA C 293 -17.08 6.88 -20.53
N MET C 294 -18.25 7.15 -19.95
CA MET C 294 -18.30 7.88 -18.68
C MET C 294 -17.55 7.21 -17.53
N PRO C 295 -17.66 5.88 -17.37
CA PRO C 295 -16.88 5.25 -16.29
C PRO C 295 -15.35 5.32 -16.49
N ILE C 296 -14.89 5.29 -17.74
CA ILE C 296 -13.48 5.51 -18.04
C ILE C 296 -13.03 6.89 -17.54
N TYR C 297 -13.76 7.95 -17.87
CA TYR C 297 -13.36 9.30 -17.45
C TYR C 297 -13.65 9.61 -15.97
N LYS C 298 -14.62 8.90 -15.39
CA LYS C 298 -14.85 8.92 -13.94
C LYS C 298 -13.63 8.35 -13.20
N LEU C 299 -13.11 7.22 -13.68
CA LEU C 299 -11.90 6.65 -13.11
C LEU C 299 -10.70 7.57 -13.28
N LEU C 300 -10.57 8.17 -14.46
CA LEU C 300 -9.50 9.14 -14.73
C LEU C 300 -9.58 10.35 -13.78
N GLN C 301 -10.80 10.82 -13.52
CA GLN C 301 -11.07 11.90 -12.56
C GLN C 301 -10.67 11.54 -11.12
N ASP C 302 -11.01 10.32 -10.70
CA ASP C 302 -10.68 9.82 -9.36
C ASP C 302 -9.17 9.76 -9.09
N LEU C 303 -8.40 9.45 -10.13
CA LEU C 303 -6.93 9.41 -10.05
C LEU C 303 -6.27 10.78 -10.23
N PHE C 304 -6.76 11.57 -11.20
CA PHE C 304 -6.26 12.93 -11.49
C PHE C 304 -7.38 13.96 -11.39
N PRO C 305 -7.42 14.77 -10.30
CA PRO C 305 -8.47 15.80 -10.18
C PRO C 305 -8.55 16.81 -11.36
N LYS C 306 -7.43 17.09 -12.02
CA LYS C 306 -7.40 17.99 -13.20
C LYS C 306 -8.08 17.43 -14.45
N ALA C 307 -8.42 16.13 -14.45
CA ALA C 307 -9.24 15.50 -15.48
C ALA C 307 -10.76 15.59 -15.22
N ALA C 308 -11.17 16.36 -14.20
CA ALA C 308 -12.60 16.55 -13.92
C ALA C 308 -13.36 17.19 -15.09
N GLU C 309 -12.71 18.16 -15.77
CA GLU C 309 -13.31 18.79 -16.95
C GLU C 309 -13.55 17.82 -18.11
N LEU C 310 -12.75 16.75 -18.18
CA LEU C 310 -12.94 15.70 -19.20
C LEU C 310 -14.20 14.92 -18.94
N TYR C 311 -14.36 14.42 -17.72
CA TYR C 311 -15.56 13.70 -17.32
C TYR C 311 -16.82 14.55 -17.49
N GLU C 312 -16.75 15.82 -17.10
CA GLU C 312 -17.90 16.72 -17.21
C GLU C 312 -18.30 17.01 -18.66
N ARG C 313 -17.34 16.99 -19.58
CA ARG C 313 -17.64 17.20 -21.00
C ARG C 313 -18.30 15.97 -21.61
N VAL C 314 -17.86 14.78 -21.18
CA VAL C 314 -18.45 13.52 -21.65
C VAL C 314 -19.90 13.39 -21.16
N ALA C 315 -20.11 13.70 -19.88
CA ALA C 315 -21.45 13.74 -19.29
C ALA C 315 -22.37 14.76 -19.96
N SER C 316 -21.82 15.94 -20.27
CA SER C 316 -22.56 16.97 -21.00
C SER C 316 -22.91 16.50 -22.42
N ASN C 317 -21.96 15.86 -23.10
CA ASN C 317 -22.23 15.29 -24.41
C ASN C 317 -23.29 14.18 -24.35
N ARG C 318 -23.32 13.39 -23.29
CA ARG C 318 -24.39 12.40 -23.10
C ARG C 318 -25.77 13.03 -22.88
N GLU C 319 -25.83 14.09 -22.10
CA GLU C 319 -27.07 14.86 -21.93
C GLU C 319 -27.56 15.39 -23.27
N HIS C 320 -26.63 15.82 -24.13
CA HIS C 320 -26.96 16.35 -25.45
C HIS C 320 -27.57 15.29 -26.36
N TRP C 321 -27.04 14.05 -26.29
CA TRP C 321 -27.63 12.92 -27.02
C TRP C 321 -29.08 12.64 -26.59
N THR C 322 -29.35 12.74 -25.30
CA THR C 322 -30.72 12.61 -24.79
C THR C 322 -31.64 13.73 -25.34
N LYS C 323 -31.15 14.98 -25.36
CA LYS C 323 -31.95 16.13 -25.83
C LYS C 323 -32.35 16.02 -27.29
N VAL C 324 -31.46 15.52 -28.14
CA VAL C 324 -31.74 15.38 -29.58
C VAL C 324 -32.35 14.02 -29.99
N SER C 325 -32.55 13.10 -29.05
CA SER C 325 -33.19 11.80 -29.34
C SER C 325 -34.49 11.92 -30.13
N HIS C 326 -35.35 12.85 -29.71
CA HIS C 326 -36.65 13.09 -30.36
C HIS C 326 -36.56 13.32 -31.88
N LYS C 327 -35.42 13.84 -32.36
CA LYS C 327 -35.22 14.14 -33.78
C LYS C 327 -35.09 12.91 -34.68
N PHE C 328 -34.90 11.72 -34.11
CA PHE C 328 -34.96 10.48 -34.88
C PHE C 328 -36.39 10.00 -35.19
N THR C 329 -37.41 10.76 -34.80
CA THR C 329 -38.76 10.58 -35.37
C THR C 329 -38.96 11.56 -36.55
N ILE C 330 -39.25 11.00 -37.73
CA ILE C 330 -39.49 11.77 -38.95
C ILE C 330 -40.70 12.67 -38.74
N ARG C 331 -40.46 13.98 -38.80
CA ARG C 331 -41.52 14.99 -38.76
C ARG C 331 -41.77 15.41 -40.18
N GLY C 332 -43.02 15.71 -40.49
CA GLY C 332 -43.43 16.00 -41.85
C GLY C 332 -43.24 14.78 -42.74
N LEU C 333 -42.97 15.05 -44.01
CA LEU C 333 -42.65 14.00 -44.98
C LEU C 333 -41.15 13.82 -45.00
N PRO C 334 -40.66 12.62 -45.40
CA PRO C 334 -39.21 12.45 -45.56
C PRO C 334 -38.68 13.37 -46.67
N SER C 335 -37.35 13.57 -46.72
CA SER C 335 -36.71 14.44 -47.74
C SER C 335 -37.06 14.02 -49.16
N ASN C 336 -37.15 12.70 -49.36
CA ASN C 336 -37.82 12.07 -50.53
C ASN C 336 -39.10 12.76 -51.01
N ASN C 337 -39.89 13.25 -50.06
CA ASN C 337 -41.16 13.94 -50.30
C ASN C 337 -42.24 12.92 -50.72
N SER C 338 -42.13 11.72 -50.16
CA SER C 338 -42.89 10.54 -50.57
C SER C 338 -43.19 9.64 -49.38
N LEU C 339 -44.34 8.95 -49.40
CA LEU C 339 -44.67 7.95 -48.38
C LEU C 339 -44.49 6.48 -48.86
N ASP C 340 -43.77 6.28 -49.96
CA ASP C 340 -43.59 4.93 -50.55
C ASP C 340 -42.91 3.92 -49.61
N PHE C 341 -42.07 4.43 -48.71
CA PHE C 341 -41.38 3.59 -47.71
C PHE C 341 -42.26 2.83 -46.71
N LEU C 342 -43.57 3.05 -46.67
CA LEU C 342 -44.48 2.29 -45.78
C LEU C 342 -44.91 0.92 -46.36
#